data_7X5O
#
_entry.id   7X5O
#
_cell.length_a   126.981
_cell.length_b   126.981
_cell.length_c   170.106
_cell.angle_alpha   90.000
_cell.angle_beta   90.000
_cell.angle_gamma   90.000
#
_symmetry.space_group_name_H-M   'P 41 21 2'
#
loop_
_entity.id
_entity.type
_entity.pdbx_description
1 polymer 'Serine hydroxymethyltransferase'
2 non-polymer 'N-[4-({[(6S)-2-AMINO-4-HYDROXY-5-METHYL-5,6,7,8-TETRAHYDROPTERIDIN-6-YL]METHYL}AMINO)BENZOYL]-L-GLUTAMIC ACID'
3 non-polymer N-GLYCINE-[3-HYDROXY-2-METHYL-5-PHOSPHONOOXYMETHYL-PYRIDIN-4-YL-METHANE]
4 water water
#
_entity_poly.entity_id   1
_entity_poly.type   'polypeptide(L)'
_entity_poly.pdbx_seq_one_letter_code
;GPGVVDYKTFDPDLWAAIAKEEERQEHNLELIASENFVSEAVMAAQGSILTNKYAEGYPGHRYYGGCEFVDIVENLAIDR
AKELFGAKFANVQPHSGSQANTAAYLALVEPGDTILGMDLSAGGHLTHGSPVNFSGKTYHFVAYGVDPTTEVIDYNVVRI
LARKHQPKLIVAGASAYGRTIDFAKFREIADEVGAKLMVDMAHIAGLVAAGLHPNPVPYADITTTTTHKTLRGPRGGMIL
TNDEALAKKINSAVFPGIQGGPLEHVIAGKAVAFKEALDPAFKEYSEQIIANAKAMVKVFNQAIGTRVISGATDNHLMLI
DVRELGINGKEAESILDSVNITVNKNSIPFETLSPFKTSGIRIGTPAITTRGFKEEDAVKVAELVVKALQAKDDNAQLDE
VKTGVRELTEKFPLHKK
;
_entity_poly.pdbx_strand_id   A,B
#
# COMPACT_ATOMS: atom_id res chain seq x y z
N ASP A 6 -18.51 -18.14 -10.58
CA ASP A 6 -19.01 -19.10 -9.60
C ASP A 6 -18.84 -18.58 -8.16
N TYR A 7 -17.60 -18.23 -7.78
CA TYR A 7 -17.43 -17.43 -6.57
C TYR A 7 -18.07 -16.07 -6.77
N LYS A 8 -18.29 -15.72 -8.04
CA LYS A 8 -19.02 -14.51 -8.37
C LYS A 8 -20.47 -14.59 -7.93
N THR A 9 -21.03 -15.78 -7.78
CA THR A 9 -22.40 -15.87 -7.29
C THR A 9 -22.50 -15.61 -5.80
N PHE A 10 -21.42 -15.83 -5.04
CA PHE A 10 -21.49 -15.55 -3.62
C PHE A 10 -21.61 -14.04 -3.36
N ASP A 11 -21.04 -13.21 -4.24
CA ASP A 11 -21.01 -11.76 -4.06
C ASP A 11 -21.42 -11.02 -5.34
N PRO A 12 -22.67 -11.16 -5.77
CA PRO A 12 -23.07 -10.55 -7.05
C PRO A 12 -22.91 -9.02 -7.10
N ASP A 13 -23.11 -8.32 -5.98
CA ASP A 13 -22.98 -6.86 -5.99
C ASP A 13 -21.55 -6.42 -6.27
N LEU A 14 -20.58 -7.08 -5.63
CA LEU A 14 -19.19 -6.72 -5.90
C LEU A 14 -18.83 -7.04 -7.34
N TRP A 15 -19.16 -8.25 -7.79
CA TRP A 15 -18.72 -8.66 -9.12
C TRP A 15 -19.44 -7.91 -10.23
N ALA A 16 -20.68 -7.48 -9.97
CA ALA A 16 -21.35 -6.60 -10.93
C ALA A 16 -20.62 -5.27 -11.07
N ALA A 17 -20.19 -4.70 -9.93
CA ALA A 17 -19.45 -3.44 -9.95
C ALA A 17 -18.14 -3.59 -10.70
N ILE A 18 -17.43 -4.69 -10.48
CA ILE A 18 -16.18 -4.90 -11.20
C ILE A 18 -16.44 -5.05 -12.71
N ALA A 19 -17.51 -5.76 -13.08
CA ALA A 19 -17.89 -5.88 -14.48
C ALA A 19 -18.28 -4.52 -15.10
N LYS A 20 -19.01 -3.69 -14.35
CA LYS A 20 -19.33 -2.38 -14.88
C LYS A 20 -18.08 -1.54 -15.10
N GLU A 21 -17.14 -1.59 -14.14
CA GLU A 21 -15.90 -0.84 -14.32
C GLU A 21 -15.13 -1.35 -15.53
N GLU A 22 -15.22 -2.65 -15.82
CA GLU A 22 -14.57 -3.19 -17.01
C GLU A 22 -15.17 -2.61 -18.28
N GLU A 23 -16.50 -2.57 -18.37
CA GLU A 23 -17.15 -1.94 -19.52
C GLU A 23 -16.78 -0.46 -19.59
N ARG A 24 -16.69 0.20 -18.43
CA ARG A 24 -16.40 1.61 -18.43
C ARG A 24 -15.04 1.89 -19.04
N GLN A 25 -14.04 1.10 -18.67
CA GLN A 25 -12.73 1.25 -19.29
C GLN A 25 -12.77 0.92 -20.77
N GLU A 26 -13.62 -0.03 -21.15
CA GLU A 26 -13.76 -0.43 -22.55
C GLU A 26 -14.38 0.69 -23.40
N HIS A 27 -15.46 1.30 -22.92
CA HIS A 27 -16.29 2.16 -23.75
C HIS A 27 -16.09 3.65 -23.51
N ASN A 28 -15.25 4.03 -22.56
CA ASN A 28 -14.88 5.43 -22.37
C ASN A 28 -13.47 5.69 -22.90
N LEU A 29 -13.20 6.96 -23.18
CA LEU A 29 -11.83 7.41 -23.44
C LEU A 29 -11.18 7.80 -22.12
N GLU A 30 -10.20 7.02 -21.66
CA GLU A 30 -9.47 7.36 -20.44
C GLU A 30 -8.39 8.36 -20.81
N LEU A 31 -8.60 9.62 -20.44
CA LEU A 31 -7.60 10.64 -20.71
C LEU A 31 -6.91 11.13 -19.43
N ILE A 32 -7.13 10.47 -18.29
CA ILE A 32 -6.45 10.86 -17.06
C ILE A 32 -4.96 10.60 -17.20
N ALA A 33 -4.16 11.67 -17.07
CA ALA A 33 -2.75 11.62 -17.40
C ALA A 33 -1.99 10.57 -16.59
N SER A 34 -2.46 10.27 -15.38
CA SER A 34 -1.77 9.37 -14.46
C SER A 34 -2.27 7.93 -14.52
N GLU A 35 -3.16 7.60 -15.46
CA GLU A 35 -3.68 6.23 -15.56
C GLU A 35 -3.07 5.50 -16.74
N ASN A 36 -3.32 4.21 -16.78
CA ASN A 36 -2.80 3.35 -17.85
C ASN A 36 -3.60 2.06 -17.80
N PHE A 37 -3.31 1.15 -18.72
CA PHE A 37 -3.93 -0.18 -18.70
C PHE A 37 -2.82 -1.21 -18.60
N VAL A 38 -2.74 -1.90 -17.45
CA VAL A 38 -1.67 -2.87 -17.21
C VAL A 38 -1.96 -4.16 -17.98
N SER A 39 -0.90 -4.93 -18.19
CA SER A 39 -1.02 -6.15 -18.95
C SER A 39 -1.74 -7.23 -18.16
N GLU A 40 -2.10 -8.28 -18.88
CA GLU A 40 -2.68 -9.46 -18.25
C GLU A 40 -1.69 -10.08 -17.27
N ALA A 41 -0.39 -10.02 -17.59
CA ALA A 41 0.63 -10.55 -16.69
C ALA A 41 0.67 -9.76 -15.37
N VAL A 42 0.63 -8.43 -15.45
CA VAL A 42 0.67 -7.62 -14.22
C VAL A 42 -0.53 -7.96 -13.33
N MET A 43 -1.72 -8.02 -13.92
CA MET A 43 -2.90 -8.36 -13.12
C MET A 43 -2.78 -9.79 -12.55
N ALA A 44 -2.27 -10.73 -13.34
CA ALA A 44 -2.11 -12.09 -12.84
C ALA A 44 -1.14 -12.12 -11.66
N ALA A 45 -0.05 -11.35 -11.76
CA ALA A 45 0.89 -11.27 -10.65
C ALA A 45 0.23 -10.70 -9.41
N GLN A 46 -0.51 -9.61 -9.56
CA GLN A 46 -1.21 -9.04 -8.41
C GLN A 46 -2.26 -9.98 -7.87
N GLY A 47 -2.85 -10.81 -8.73
CA GLY A 47 -3.85 -11.75 -8.27
C GLY A 47 -3.34 -13.09 -7.81
N SER A 48 -2.06 -13.20 -7.46
CA SER A 48 -1.44 -14.48 -7.17
C SER A 48 -1.43 -14.79 -5.67
N ILE A 49 -0.87 -15.96 -5.34
CA ILE A 49 -0.80 -16.38 -3.95
C ILE A 49 0.27 -15.62 -3.17
N LEU A 50 1.03 -14.74 -3.82
CA LEU A 50 2.06 -14.00 -3.11
C LEU A 50 1.48 -13.11 -2.03
N THR A 51 0.19 -12.77 -2.13
CA THR A 51 -0.50 -11.99 -1.11
C THR A 51 -0.52 -12.68 0.27
N ASN A 52 -0.26 -13.99 0.34
CA ASN A 52 -0.35 -14.72 1.61
C ASN A 52 0.93 -14.62 2.43
N LYS A 53 2.01 -14.08 1.88
CA LYS A 53 3.32 -14.11 2.52
C LYS A 53 3.60 -12.84 3.32
N TYR A 54 3.96 -13.00 4.60
CA TYR A 54 4.60 -11.93 5.37
C TYR A 54 6.10 -11.94 5.09
N ALA A 55 6.64 -10.78 4.71
CA ALA A 55 8.01 -10.71 4.25
C ALA A 55 8.71 -9.44 4.76
N GLU A 56 8.46 -9.06 6.00
CA GLU A 56 9.17 -7.93 6.60
C GLU A 56 10.68 -8.11 6.49
N GLY A 57 11.37 -7.03 6.18
CA GLY A 57 12.79 -7.08 5.92
C GLY A 57 13.06 -6.96 4.44
N TYR A 58 14.25 -7.39 4.07
CA TYR A 58 14.71 -7.29 2.69
C TYR A 58 15.27 -8.64 2.27
N PRO A 59 15.37 -8.91 0.96
CA PRO A 59 15.78 -10.24 0.51
C PRO A 59 17.01 -10.74 1.23
N GLY A 60 16.92 -11.97 1.75
CA GLY A 60 17.98 -12.56 2.52
C GLY A 60 17.97 -12.25 4.00
N HIS A 61 17.32 -11.15 4.42
CA HIS A 61 17.29 -10.75 5.82
C HIS A 61 15.88 -10.35 6.20
N ARG A 62 15.04 -11.38 6.30
CA ARG A 62 13.64 -11.26 6.65
C ARG A 62 13.42 -11.62 8.10
N TYR A 63 12.29 -11.18 8.63
CA TYR A 63 11.85 -11.54 9.97
C TYR A 63 10.90 -12.73 9.97
N TYR A 64 10.79 -13.44 8.85
CA TYR A 64 9.89 -14.59 8.77
C TYR A 64 10.57 -15.71 8.01
N GLY A 65 10.13 -16.94 8.30
CA GLY A 65 10.54 -18.07 7.50
C GLY A 65 9.82 -18.12 6.17
N GLY A 66 10.38 -18.91 5.25
CA GLY A 66 9.71 -19.23 4.01
C GLY A 66 9.74 -18.15 2.95
N CYS A 67 10.78 -17.33 2.90
CA CYS A 67 10.84 -16.23 1.96
C CYS A 67 11.76 -16.49 0.78
N GLU A 68 12.17 -17.75 0.56
CA GLU A 68 13.10 -18.07 -0.52
CA GLU A 68 13.09 -18.07 -0.50
C GLU A 68 12.60 -17.59 -1.88
N PHE A 69 11.31 -17.78 -2.17
CA PHE A 69 10.86 -17.46 -3.52
C PHE A 69 10.36 -16.05 -3.64
N VAL A 70 9.78 -15.52 -2.57
CA VAL A 70 9.49 -14.10 -2.50
C VAL A 70 10.77 -13.28 -2.63
N ASP A 71 11.88 -13.77 -2.06
CA ASP A 71 13.17 -13.11 -2.24
C ASP A 71 13.60 -13.08 -3.69
N ILE A 72 13.29 -14.15 -4.45
CA ILE A 72 13.64 -14.15 -5.87
C ILE A 72 12.85 -13.07 -6.61
N VAL A 73 11.55 -13.01 -6.32
CA VAL A 73 10.66 -12.04 -6.96
C VAL A 73 11.12 -10.62 -6.67
N GLU A 74 11.36 -10.31 -5.40
CA GLU A 74 11.70 -8.93 -5.04
C GLU A 74 13.04 -8.53 -5.65
N ASN A 75 14.02 -9.45 -5.69
CA ASN A 75 15.31 -9.18 -6.34
C ASN A 75 15.14 -9.03 -7.85
N LEU A 76 14.21 -9.75 -8.46
CA LEU A 76 13.90 -9.50 -9.87
C LEU A 76 13.45 -8.06 -10.08
N ALA A 77 12.55 -7.59 -9.21
CA ALA A 77 12.07 -6.23 -9.34
C ALA A 77 13.18 -5.22 -9.09
N ILE A 78 14.00 -5.46 -8.08
CA ILE A 78 15.08 -4.54 -7.77
C ILE A 78 16.06 -4.49 -8.93
N ASP A 79 16.48 -5.65 -9.42
CA ASP A 79 17.48 -5.70 -10.49
C ASP A 79 16.97 -5.05 -11.76
N ARG A 80 15.72 -5.32 -12.13
CA ARG A 80 15.18 -4.72 -13.35
C ARG A 80 15.03 -3.22 -13.20
N ALA A 81 14.64 -2.75 -12.01
CA ALA A 81 14.64 -1.31 -11.76
C ALA A 81 16.02 -0.72 -12.00
N LYS A 82 17.06 -1.36 -11.45
CA LYS A 82 18.41 -0.87 -11.65
C LYS A 82 18.81 -0.87 -13.11
N GLU A 83 18.40 -1.89 -13.89
CA GLU A 83 18.76 -1.91 -15.29
CA GLU A 83 18.79 -1.86 -15.30
C GLU A 83 17.99 -0.83 -16.08
N LEU A 84 16.74 -0.60 -15.71
CA LEU A 84 15.92 0.38 -16.41
C LEU A 84 16.45 1.80 -16.22
N PHE A 85 16.90 2.14 -15.01
CA PHE A 85 17.17 3.53 -14.66
C PHE A 85 18.62 3.82 -14.33
N GLY A 86 19.48 2.80 -14.24
CA GLY A 86 20.88 3.04 -13.94
C GLY A 86 21.16 3.36 -12.49
N ALA A 87 20.22 3.10 -11.61
CA ALA A 87 20.43 3.34 -10.20
C ALA A 87 21.26 2.20 -9.65
N LYS A 88 22.15 2.52 -8.72
CA LYS A 88 22.94 1.49 -8.08
C LYS A 88 22.15 0.77 -6.99
N PHE A 89 21.08 1.40 -6.48
CA PHE A 89 20.27 0.83 -5.42
C PHE A 89 18.80 1.11 -5.68
N ALA A 90 17.95 0.17 -5.29
CA ALA A 90 16.52 0.29 -5.52
C ALA A 90 15.76 -0.30 -4.34
N ASN A 91 14.70 0.38 -3.94
CA ASN A 91 13.77 -0.12 -2.94
C ASN A 91 12.41 -0.19 -3.61
N VAL A 92 11.85 -1.40 -3.69
CA VAL A 92 10.61 -1.63 -4.42
C VAL A 92 9.44 -1.88 -3.49
N GLN A 93 9.63 -1.69 -2.18
CA GLN A 93 8.60 -1.92 -1.17
C GLN A 93 7.60 -0.78 -0.92
N PRO A 94 7.82 0.49 -1.32
CA PRO A 94 6.80 1.52 -1.03
C PRO A 94 5.42 1.15 -1.57
N HIS A 95 4.42 1.22 -0.68
CA HIS A 95 3.05 0.89 -1.07
C HIS A 95 2.49 1.83 -2.14
N SER A 96 3.06 3.02 -2.28
CA SER A 96 2.52 4.07 -3.13
C SER A 96 3.59 5.13 -3.36
N GLY A 97 3.30 6.07 -4.25
CA GLY A 97 4.18 7.19 -4.44
C GLY A 97 4.25 8.09 -3.22
N SER A 98 3.14 8.21 -2.48
CA SER A 98 3.18 9.00 -1.24
C SER A 98 4.05 8.34 -0.19
N GLN A 99 3.99 7.01 -0.07
CA GLN A 99 4.89 6.32 0.85
C GLN A 99 6.34 6.44 0.41
N ALA A 100 6.60 6.35 -0.90
CA ALA A 100 7.95 6.54 -1.40
C ALA A 100 8.52 7.87 -0.96
N ASN A 101 7.76 8.97 -1.21
CA ASN A 101 8.23 10.31 -0.84
C ASN A 101 8.37 10.46 0.66
N THR A 102 7.46 9.85 1.43
CA THR A 102 7.56 9.89 2.88
C THR A 102 8.89 9.34 3.34
N ALA A 103 9.30 8.20 2.78
CA ALA A 103 10.56 7.59 3.21
C ALA A 103 11.74 8.38 2.68
N ALA A 104 11.61 8.91 1.47
CA ALA A 104 12.70 9.72 0.91
C ALA A 104 13.03 10.91 1.80
N TYR A 105 11.99 11.67 2.20
CA TYR A 105 12.23 12.82 3.09
C TYR A 105 12.88 12.38 4.39
N LEU A 106 12.42 11.27 4.98
CA LEU A 106 13.03 10.77 6.21
C LEU A 106 14.53 10.50 6.02
N ALA A 107 14.92 9.98 4.85
CA ALA A 107 16.31 9.67 4.56
C ALA A 107 17.15 10.90 4.25
N LEU A 108 16.54 12.04 3.95
CA LEU A 108 17.25 13.22 3.48
C LEU A 108 17.27 14.37 4.47
N VAL A 109 16.19 14.62 5.20
CA VAL A 109 16.05 15.82 6.01
C VAL A 109 15.46 15.45 7.37
N GLU A 110 15.29 16.47 8.19
CA GLU A 110 14.72 16.37 9.53
C GLU A 110 13.42 17.16 9.63
N PRO A 111 12.55 16.81 10.57
CA PRO A 111 11.31 17.56 10.73
C PRO A 111 11.61 19.04 10.95
N GLY A 112 10.86 19.89 10.26
CA GLY A 112 11.07 21.32 10.31
C GLY A 112 12.09 21.87 9.32
N ASP A 113 12.90 21.02 8.70
CA ASP A 113 13.89 21.52 7.75
C ASP A 113 13.23 22.24 6.60
N THR A 114 13.98 23.14 5.97
CA THR A 114 13.47 23.89 4.83
C THR A 114 13.66 23.08 3.56
N ILE A 115 12.57 22.92 2.81
CA ILE A 115 12.55 22.19 1.56
C ILE A 115 11.96 23.11 0.50
N LEU A 116 12.56 23.10 -0.69
CA LEU A 116 12.09 23.89 -1.81
C LEU A 116 11.48 22.93 -2.84
N GLY A 117 10.17 23.07 -3.06
CA GLY A 117 9.46 22.13 -3.92
C GLY A 117 8.45 22.88 -4.76
N MET A 118 7.99 22.22 -5.83
CA MET A 118 7.12 22.90 -6.79
C MET A 118 5.73 23.13 -6.22
N ASP A 119 5.24 24.36 -6.37
CA ASP A 119 3.90 24.71 -5.94
C ASP A 119 2.86 23.81 -6.59
N LEU A 120 1.80 23.46 -5.85
CA LEU A 120 0.80 22.54 -6.38
C LEU A 120 0.11 23.12 -7.62
N SER A 121 -0.35 24.37 -7.56
CA SER A 121 -1.02 24.97 -8.71
C SER A 121 -0.13 25.00 -9.94
N ALA A 122 1.16 25.29 -9.75
CA ALA A 122 2.08 25.32 -10.87
C ALA A 122 2.35 23.93 -11.45
N GLY A 123 2.04 22.86 -10.72
CA GLY A 123 2.20 21.52 -11.25
C GLY A 123 2.78 20.52 -10.29
N GLY A 124 3.21 20.97 -9.11
CA GLY A 124 3.77 20.06 -8.13
C GLY A 124 2.74 19.14 -7.54
N HIS A 125 3.22 18.05 -6.93
CA HIS A 125 2.34 17.10 -6.28
C HIS A 125 2.05 17.54 -4.85
N LEU A 126 0.93 17.06 -4.33
CA LEU A 126 0.58 17.17 -2.92
C LEU A 126 1.77 16.93 -1.98
N THR A 127 2.56 15.89 -2.24
CA THR A 127 3.67 15.54 -1.35
C THR A 127 4.89 16.42 -1.56
N HIS A 128 4.81 17.41 -2.45
CA HIS A 128 5.86 18.38 -2.65
C HIS A 128 5.61 19.63 -1.82
N GLY A 129 4.87 19.48 -0.72
CA GLY A 129 4.78 20.52 0.27
C GLY A 129 3.42 21.14 0.50
N SER A 130 2.37 20.53 -0.01
CA SER A 130 1.03 21.04 0.28
C SER A 130 0.78 21.02 1.78
N PRO A 131 0.18 22.08 2.33
CA PRO A 131 -0.03 22.16 3.79
C PRO A 131 -1.13 21.25 4.32
N VAL A 132 -1.94 20.61 3.47
CA VAL A 132 -2.89 19.59 3.93
C VAL A 132 -2.30 18.19 3.92
N ASN A 133 -1.05 18.07 3.51
CA ASN A 133 -0.32 16.83 3.34
C ASN A 133 0.76 16.73 4.41
N PHE A 134 1.26 15.52 4.64
CA PHE A 134 2.32 15.36 5.63
C PHE A 134 3.51 16.22 5.29
N SER A 135 3.77 16.41 3.99
CA SER A 135 4.94 17.16 3.55
C SER A 135 4.91 18.59 4.09
N GLY A 136 3.83 19.32 3.84
CA GLY A 136 3.73 20.68 4.32
C GLY A 136 3.60 20.76 5.83
N LYS A 137 2.96 19.77 6.45
CA LYS A 137 2.82 19.77 7.90
C LYS A 137 4.14 19.48 8.61
N THR A 138 4.98 18.61 8.05
CA THR A 138 6.16 18.13 8.76
C THR A 138 7.39 18.99 8.52
N TYR A 139 7.46 19.65 7.36
CA TYR A 139 8.64 20.39 6.95
C TYR A 139 8.25 21.82 6.56
N HIS A 140 9.24 22.69 6.54
CA HIS A 140 9.03 24.07 6.12
C HIS A 140 9.23 24.15 4.62
N PHE A 141 8.14 24.17 3.86
CA PHE A 141 8.23 24.19 2.41
C PHE A 141 8.19 25.62 1.86
N VAL A 142 9.13 25.92 0.98
CA VAL A 142 9.12 27.10 0.12
C VAL A 142 8.78 26.62 -1.27
N ALA A 143 7.90 27.31 -1.97
CA ALA A 143 7.46 26.85 -3.29
C ALA A 143 8.02 27.72 -4.41
N TYR A 144 8.53 27.07 -5.45
CA TYR A 144 8.75 27.69 -6.73
C TYR A 144 7.62 27.29 -7.67
N GLY A 145 7.33 28.15 -8.64
CA GLY A 145 6.25 27.96 -9.58
C GLY A 145 6.76 28.07 -10.99
N VAL A 146 5.88 28.52 -11.89
CA VAL A 146 6.27 28.76 -13.26
C VAL A 146 6.08 30.23 -13.58
N ASP A 147 6.79 30.68 -14.61
CA ASP A 147 6.65 32.04 -15.09
C ASP A 147 5.21 32.30 -15.54
N PRO A 148 4.62 33.45 -15.18
CA PRO A 148 3.23 33.72 -15.57
C PRO A 148 3.01 33.85 -17.06
N THR A 149 4.01 34.28 -17.82
CA THR A 149 3.82 34.56 -19.24
C THR A 149 4.07 33.33 -20.10
N THR A 150 5.12 32.56 -19.80
CA THR A 150 5.45 31.35 -20.52
C THR A 150 4.85 30.08 -19.90
N GLU A 151 4.49 30.11 -18.62
CA GLU A 151 4.00 28.95 -17.86
C GLU A 151 4.97 27.78 -17.85
N VAL A 152 6.28 28.06 -17.97
CA VAL A 152 7.30 27.05 -17.77
C VAL A 152 8.20 27.50 -16.61
N ILE A 153 9.02 26.56 -16.13
CA ILE A 153 9.85 26.84 -14.95
C ILE A 153 10.91 27.87 -15.33
N ASP A 154 11.01 28.91 -14.51
CA ASP A 154 12.08 29.89 -14.62
C ASP A 154 13.18 29.45 -13.68
N TYR A 155 14.26 28.89 -14.24
CA TYR A 155 15.29 28.33 -13.36
C TYR A 155 16.07 29.41 -12.62
N ASN A 156 16.07 30.64 -13.13
CA ASN A 156 16.72 31.69 -12.35
C ASN A 156 15.89 32.06 -11.11
N VAL A 157 14.57 32.05 -11.22
CA VAL A 157 13.77 32.27 -10.03
C VAL A 157 13.99 31.17 -9.00
N VAL A 158 14.14 29.92 -9.47
CA VAL A 158 14.44 28.82 -8.55
C VAL A 158 15.76 29.07 -7.83
N ARG A 159 16.78 29.54 -8.57
CA ARG A 159 18.08 29.79 -7.94
C ARG A 159 17.97 30.92 -6.89
N ILE A 160 17.23 31.98 -7.22
CA ILE A 160 17.03 33.08 -6.28
C ILE A 160 16.38 32.59 -5.00
N LEU A 161 15.31 31.78 -5.13
CA LEU A 161 14.66 31.22 -3.97
C LEU A 161 15.61 30.36 -3.16
N ALA A 162 16.36 29.48 -3.82
CA ALA A 162 17.27 28.61 -3.09
C ALA A 162 18.33 29.42 -2.35
N ARG A 163 18.86 30.47 -2.99
CA ARG A 163 19.85 31.32 -2.32
C ARG A 163 19.24 32.05 -1.13
N LYS A 164 18.04 32.60 -1.31
CA LYS A 164 17.33 33.33 -0.27
C LYS A 164 16.99 32.44 0.93
N HIS A 165 16.37 31.27 0.68
CA HIS A 165 15.82 30.45 1.76
C HIS A 165 16.76 29.38 2.27
N GLN A 166 17.86 29.09 1.57
CA GLN A 166 18.87 28.12 2.01
C GLN A 166 18.25 26.75 2.36
N PRO A 167 17.58 26.11 1.42
CA PRO A 167 16.91 24.85 1.76
C PRO A 167 17.93 23.75 2.02
N LYS A 168 17.57 22.82 2.91
CA LYS A 168 18.36 21.61 3.06
C LYS A 168 18.18 20.68 1.87
N LEU A 169 17.06 20.81 1.17
CA LEU A 169 16.63 19.90 0.13
C LEU A 169 15.88 20.70 -0.92
N ILE A 170 16.15 20.40 -2.18
CA ILE A 170 15.31 20.88 -3.29
C ILE A 170 14.63 19.66 -3.89
N VAL A 171 13.32 19.77 -4.10
CA VAL A 171 12.52 18.73 -4.73
C VAL A 171 12.15 19.21 -6.12
N ALA A 172 12.40 18.37 -7.11
CA ALA A 172 11.92 18.62 -8.46
C ALA A 172 11.03 17.45 -8.88
N GLY A 173 10.16 17.72 -9.85
CA GLY A 173 9.20 16.73 -10.30
C GLY A 173 7.80 17.32 -10.25
N ALA A 174 6.86 16.71 -10.98
CA ALA A 174 5.57 17.36 -11.13
C ALA A 174 4.49 16.33 -11.45
N SER A 175 3.25 16.68 -11.06
CA SER A 175 2.06 15.94 -11.43
C SER A 175 1.35 16.52 -12.64
N ALA A 176 1.51 17.81 -12.92
CA ALA A 176 0.79 18.45 -14.01
C ALA A 176 1.67 19.52 -14.67
N TYR A 177 2.81 19.07 -15.21
CA TYR A 177 3.74 19.93 -15.94
C TYR A 177 4.08 19.21 -17.24
N GLY A 178 3.68 19.80 -18.37
CA GLY A 178 3.89 19.17 -19.66
C GLY A 178 5.24 19.38 -20.30
N ARG A 179 6.22 19.95 -19.60
CA ARG A 179 7.45 20.35 -20.24
C ARG A 179 8.64 19.62 -19.63
N THR A 180 9.72 19.56 -20.40
CA THR A 180 10.94 18.94 -19.91
C THR A 180 11.46 19.66 -18.66
N ILE A 181 11.87 18.87 -17.67
CA ILE A 181 12.48 19.41 -16.45
C ILE A 181 14.00 19.26 -16.58
N ASP A 182 14.72 20.34 -16.32
CA ASP A 182 16.19 20.33 -16.45
C ASP A 182 16.80 19.89 -15.13
N PHE A 183 16.89 18.57 -14.98
CA PHE A 183 17.43 18.03 -13.74
C PHE A 183 18.88 18.43 -13.54
N ALA A 184 19.64 18.53 -14.64
CA ALA A 184 21.01 19.02 -14.51
C ALA A 184 21.04 20.40 -13.89
N LYS A 185 20.15 21.29 -14.31
CA LYS A 185 20.12 22.63 -13.74
C LYS A 185 19.76 22.57 -12.26
N PHE A 186 18.76 21.75 -11.89
CA PHE A 186 18.38 21.58 -10.49
C PHE A 186 19.55 21.10 -9.64
N ARG A 187 20.29 20.11 -10.13
CA ARG A 187 21.49 19.66 -9.43
C ARG A 187 22.47 20.80 -9.22
N GLU A 188 22.63 21.64 -10.23
CA GLU A 188 23.57 22.76 -10.14
C GLU A 188 23.12 23.76 -9.10
N ILE A 189 21.83 24.09 -9.08
CA ILE A 189 21.28 25.01 -8.08
C ILE A 189 21.42 24.41 -6.68
N ALA A 190 21.07 23.14 -6.54
CA ALA A 190 21.18 22.51 -5.22
C ALA A 190 22.61 22.55 -4.72
N ASP A 191 23.57 22.35 -5.63
CA ASP A 191 24.98 22.36 -5.25
C ASP A 191 25.44 23.73 -4.81
N GLU A 192 24.98 24.79 -5.49
CA GLU A 192 25.39 26.14 -5.14
C GLU A 192 25.01 26.51 -3.70
N VAL A 193 23.82 26.10 -3.25
CA VAL A 193 23.35 26.45 -1.92
C VAL A 193 23.58 25.31 -0.93
N GLY A 194 24.31 24.28 -1.33
CA GLY A 194 24.63 23.22 -0.39
C GLY A 194 23.48 22.30 -0.04
N ALA A 195 22.44 22.24 -0.88
CA ALA A 195 21.29 21.40 -0.62
C ALA A 195 21.42 20.02 -1.26
N LYS A 196 20.65 19.07 -0.74
CA LYS A 196 20.44 17.82 -1.45
C LYS A 196 19.36 18.02 -2.50
N LEU A 197 19.30 17.10 -3.47
CA LEU A 197 18.32 17.15 -4.55
C LEU A 197 17.53 15.85 -4.57
N MET A 198 16.20 15.98 -4.55
CA MET A 198 15.30 14.85 -4.70
C MET A 198 14.42 15.05 -5.94
N VAL A 199 14.32 14.01 -6.77
CA VAL A 199 13.50 14.07 -7.98
C VAL A 199 12.40 13.03 -7.86
N ASP A 200 11.18 13.46 -8.06
CA ASP A 200 9.99 12.61 -8.06
C ASP A 200 9.58 12.53 -9.52
N MET A 201 9.95 11.43 -10.18
CA MET A 201 9.69 11.23 -11.60
C MET A 201 8.46 10.38 -11.86
N ALA A 202 7.51 10.33 -10.92
CA ALA A 202 6.39 9.39 -11.03
C ALA A 202 5.72 9.45 -12.40
N HIS A 203 5.45 10.65 -12.91
CA HIS A 203 4.70 10.76 -14.16
C HIS A 203 5.52 10.38 -15.38
N ILE A 204 6.81 10.69 -15.39
CA ILE A 204 7.62 10.54 -16.59
C ILE A 204 8.51 9.30 -16.55
N ALA A 205 8.32 8.41 -15.58
CA ALA A 205 9.29 7.33 -15.37
C ALA A 205 9.37 6.42 -16.59
N GLY A 206 8.24 6.14 -17.22
CA GLY A 206 8.27 5.39 -18.47
C GLY A 206 9.01 6.13 -19.56
N LEU A 207 8.75 7.44 -19.70
CA LEU A 207 9.48 8.25 -20.66
C LEU A 207 10.97 8.26 -20.33
N VAL A 208 11.32 8.37 -19.04
CA VAL A 208 12.72 8.30 -18.67
C VAL A 208 13.32 6.96 -19.08
N ALA A 209 12.61 5.87 -18.74
CA ALA A 209 13.09 4.54 -19.09
C ALA A 209 13.32 4.40 -20.59
N ALA A 210 12.45 5.01 -21.40
CA ALA A 210 12.62 4.90 -22.83
C ALA A 210 13.63 5.90 -23.40
N GLY A 211 14.31 6.66 -22.55
CA GLY A 211 15.21 7.66 -23.06
C GLY A 211 14.55 8.85 -23.73
N LEU A 212 13.28 9.11 -23.44
CA LEU A 212 12.54 10.22 -24.04
C LEU A 212 12.39 11.43 -23.11
N HIS A 213 12.98 11.39 -21.92
CA HIS A 213 12.98 12.53 -21.02
C HIS A 213 14.33 12.38 -20.33
N PRO A 214 15.04 13.48 -20.10
CA PRO A 214 16.31 13.41 -19.39
C PRO A 214 16.19 12.59 -18.11
N ASN A 215 17.20 11.79 -17.84
CA ASN A 215 17.14 10.88 -16.70
C ASN A 215 17.60 11.62 -15.45
N PRO A 216 16.80 11.66 -14.38
CA PRO A 216 17.24 12.32 -13.15
C PRO A 216 18.15 11.49 -12.28
N VAL A 217 18.20 10.17 -12.45
CA VAL A 217 18.94 9.33 -11.51
C VAL A 217 20.40 9.75 -11.37
N PRO A 218 21.13 10.11 -12.45
CA PRO A 218 22.52 10.56 -12.25
C PRO A 218 22.63 11.87 -11.46
N TYR A 219 21.56 12.66 -11.36
CA TYR A 219 21.65 13.95 -10.70
C TYR A 219 21.11 13.97 -9.29
N ALA A 220 20.03 13.25 -9.02
CA ALA A 220 19.35 13.36 -7.75
C ALA A 220 20.02 12.48 -6.69
N ASP A 221 20.15 13.02 -5.47
CA ASP A 221 20.55 12.19 -4.35
C ASP A 221 19.62 11.01 -4.21
N ILE A 222 18.31 11.27 -4.27
CA ILE A 222 17.28 10.23 -4.26
C ILE A 222 16.29 10.54 -5.36
N THR A 223 15.88 9.51 -6.09
CA THR A 223 14.82 9.59 -7.08
C THR A 223 13.68 8.73 -6.60
N THR A 224 12.47 9.28 -6.57
CA THR A 224 11.30 8.49 -6.23
C THR A 224 10.44 8.36 -7.46
N THR A 225 9.54 7.38 -7.44
CA THR A 225 8.62 7.20 -8.55
C THR A 225 7.46 6.31 -8.11
N THR A 226 6.39 6.38 -8.88
CA THR A 226 5.35 5.35 -8.86
C THR A 226 5.61 4.39 -10.01
N THR A 227 5.03 3.20 -9.91
CA THR A 227 5.21 2.22 -10.94
C THR A 227 4.03 2.16 -11.90
N HIS A 228 2.99 2.97 -11.70
CA HIS A 228 1.71 2.77 -12.38
C HIS A 228 1.30 3.87 -13.36
N LYS A 229 2.17 4.81 -13.70
CA LYS A 229 1.75 5.83 -14.68
C LYS A 229 2.30 5.51 -16.06
N THR A 230 3.26 6.29 -16.57
CA THR A 230 3.84 5.92 -17.85
C THR A 230 4.69 4.64 -17.79
N LEU A 231 5.08 4.16 -16.60
CA LEU A 231 5.76 2.87 -16.48
C LEU A 231 4.82 1.68 -16.66
N ARG A 232 3.52 1.91 -16.64
CA ARG A 232 2.51 0.89 -16.93
C ARG A 232 2.66 -0.34 -16.04
N GLY A 233 2.92 -0.12 -14.74
CA GLY A 233 2.98 -1.21 -13.80
C GLY A 233 1.82 -1.17 -12.82
N PRO A 234 1.87 -2.03 -11.82
CA PRO A 234 0.85 -1.99 -10.78
C PRO A 234 0.98 -0.71 -9.94
N ARG A 235 0.01 -0.51 -9.05
CA ARG A 235 0.01 0.67 -8.20
CA ARG A 235 0.03 0.67 -8.21
C ARG A 235 1.01 0.46 -7.06
N GLY A 236 1.97 1.36 -6.94
CA GLY A 236 2.97 1.26 -5.90
C GLY A 236 4.05 2.29 -6.12
N GLY A 237 5.00 2.33 -5.17
CA GLY A 237 6.10 3.27 -5.23
C GLY A 237 7.44 2.56 -5.34
N MET A 238 8.47 3.36 -5.56
CA MET A 238 9.83 2.87 -5.65
C MET A 238 10.78 4.01 -5.32
N ILE A 239 11.93 3.67 -4.73
CA ILE A 239 12.91 4.67 -4.33
C ILE A 239 14.25 4.25 -4.91
N LEU A 240 14.90 5.16 -5.65
CA LEU A 240 16.18 4.90 -6.28
C LEU A 240 17.27 5.82 -5.70
N THR A 241 18.50 5.30 -5.66
CA THR A 241 19.66 6.11 -5.31
C THR A 241 20.91 5.41 -5.82
N ASN A 242 21.98 6.21 -5.92
CA ASN A 242 23.32 5.73 -6.23
C ASN A 242 24.26 5.73 -5.04
N ASP A 243 23.86 6.31 -3.91
CA ASP A 243 24.70 6.46 -2.72
C ASP A 243 24.43 5.33 -1.73
N GLU A 244 25.49 4.61 -1.35
CA GLU A 244 25.30 3.47 -0.44
C GLU A 244 24.75 3.89 0.92
N ALA A 245 25.19 5.04 1.45
CA ALA A 245 24.69 5.48 2.75
C ALA A 245 23.20 5.81 2.68
N LEU A 246 22.78 6.54 1.64
CA LEU A 246 21.36 6.84 1.49
C LEU A 246 20.54 5.57 1.31
N ALA A 247 21.04 4.63 0.51
CA ALA A 247 20.31 3.39 0.31
C ALA A 247 20.00 2.71 1.64
N LYS A 248 20.96 2.72 2.57
CA LYS A 248 20.71 2.13 3.88
C LYS A 248 19.65 2.92 4.65
N LYS A 249 19.73 4.27 4.59
CA LYS A 249 18.73 5.10 5.25
C LYS A 249 17.36 4.95 4.62
N ILE A 250 17.32 4.85 3.29
CA ILE A 250 16.06 4.60 2.58
C ILE A 250 15.45 3.29 3.07
N ASN A 251 16.25 2.24 3.16
CA ASN A 251 15.70 0.94 3.53
C ASN A 251 15.17 0.94 4.95
N SER A 252 15.87 1.60 5.88
CA SER A 252 15.37 1.66 7.23
C SER A 252 14.14 2.54 7.33
N ALA A 253 14.06 3.56 6.48
CA ALA A 253 12.93 4.46 6.51
C ALA A 253 11.67 3.76 6.02
N VAL A 254 11.80 3.01 4.92
CA VAL A 254 10.65 2.25 4.43
C VAL A 254 10.22 1.25 5.49
N PHE A 255 11.15 0.40 5.94
CA PHE A 255 10.89 -0.58 6.99
C PHE A 255 12.12 -0.73 7.88
N PRO A 256 11.96 -0.63 9.21
CA PRO A 256 10.73 -0.53 9.99
C PRO A 256 10.24 0.90 10.24
N GLY A 257 10.72 1.84 9.44
CA GLY A 257 10.32 3.23 9.61
C GLY A 257 8.84 3.50 9.45
N ILE A 258 8.28 3.28 8.27
CA ILE A 258 6.92 3.76 8.04
C ILE A 258 5.96 2.69 7.53
N GLN A 259 6.48 1.52 7.15
CA GLN A 259 5.67 0.39 6.69
C GLN A 259 6.00 -0.84 7.52
N GLY A 260 5.17 -1.88 7.33
CA GLY A 260 5.42 -3.21 7.88
C GLY A 260 5.74 -4.18 6.76
N GLY A 261 4.90 -5.20 6.60
CA GLY A 261 5.10 -6.14 5.53
C GLY A 261 4.88 -5.53 4.17
N PRO A 262 5.73 -5.85 3.20
CA PRO A 262 5.51 -5.38 1.83
C PRO A 262 4.43 -6.20 1.14
N LEU A 263 3.92 -5.64 0.04
CA LEU A 263 2.88 -6.29 -0.78
C LEU A 263 3.59 -7.09 -1.87
N GLU A 264 3.89 -8.35 -1.58
CA GLU A 264 4.76 -9.12 -2.47
C GLU A 264 4.09 -9.47 -3.78
N HIS A 265 2.77 -9.61 -3.81
CA HIS A 265 2.11 -9.81 -5.09
C HIS A 265 2.20 -8.56 -5.94
N VAL A 266 2.14 -7.39 -5.31
CA VAL A 266 2.31 -6.14 -6.03
C VAL A 266 3.75 -6.02 -6.53
N ILE A 267 4.72 -6.37 -5.69
CA ILE A 267 6.12 -6.36 -6.11
C ILE A 267 6.34 -7.33 -7.28
N ALA A 268 5.66 -8.48 -7.26
CA ALA A 268 5.66 -9.37 -8.41
C ALA A 268 5.19 -8.65 -9.67
N GLY A 269 4.07 -7.93 -9.57
CA GLY A 269 3.61 -7.14 -10.70
C GLY A 269 4.59 -6.06 -11.11
N LYS A 270 5.34 -5.51 -10.15
CA LYS A 270 6.38 -4.56 -10.51
C LYS A 270 7.46 -5.24 -11.34
N ALA A 271 7.91 -6.42 -10.88
CA ALA A 271 8.91 -7.16 -11.64
C ALA A 271 8.42 -7.46 -13.05
N VAL A 272 7.15 -7.87 -13.18
CA VAL A 272 6.57 -8.11 -14.51
C VAL A 272 6.67 -6.86 -15.36
N ALA A 273 6.27 -5.73 -14.80
CA ALA A 273 6.17 -4.52 -15.60
C ALA A 273 7.54 -4.01 -15.99
N PHE A 274 8.54 -4.16 -15.11
CA PHE A 274 9.87 -3.65 -15.44
C PHE A 274 10.46 -4.41 -16.62
N LYS A 275 10.28 -5.73 -16.67
CA LYS A 275 10.74 -6.49 -17.83
C LYS A 275 9.99 -6.07 -19.10
N GLU A 276 8.69 -5.82 -18.99
CA GLU A 276 7.98 -5.28 -20.15
C GLU A 276 8.60 -3.97 -20.61
N ALA A 277 9.01 -3.11 -19.67
CA ALA A 277 9.61 -1.83 -20.05
C ALA A 277 11.02 -2.01 -20.62
N LEU A 278 11.70 -3.10 -20.26
CA LEU A 278 13.01 -3.36 -20.87
C LEU A 278 12.89 -3.84 -22.30
N ASP A 279 11.71 -4.28 -22.72
CA ASP A 279 11.51 -4.74 -24.09
C ASP A 279 11.50 -3.55 -25.05
N PRO A 280 12.04 -3.74 -26.27
CA PRO A 280 12.10 -2.62 -27.22
C PRO A 280 10.76 -2.11 -27.69
N ALA A 281 9.70 -2.92 -27.57
CA ALA A 281 8.37 -2.42 -27.91
C ALA A 281 7.95 -1.28 -26.98
N PHE A 282 8.43 -1.31 -25.73
CA PHE A 282 8.05 -0.29 -24.76
C PHE A 282 8.52 1.08 -25.21
N LYS A 283 9.71 1.14 -25.79
CA LYS A 283 10.22 2.40 -26.28
C LYS A 283 9.33 2.95 -27.40
N GLU A 284 8.86 2.08 -28.29
CA GLU A 284 7.93 2.51 -29.33
C GLU A 284 6.60 2.95 -28.73
N TYR A 285 6.12 2.22 -27.72
CA TYR A 285 4.95 2.69 -27.01
C TYR A 285 5.19 4.07 -26.43
N SER A 286 6.34 4.26 -25.75
CA SER A 286 6.63 5.54 -25.12
C SER A 286 6.72 6.66 -26.14
N GLU A 287 7.34 6.39 -27.31
CA GLU A 287 7.39 7.41 -28.35
C GLU A 287 6.00 7.75 -28.84
N GLN A 288 5.14 6.75 -28.99
CA GLN A 288 3.78 7.01 -29.43
C GLN A 288 3.04 7.86 -28.42
N ILE A 289 3.32 7.68 -27.12
CA ILE A 289 2.69 8.51 -26.11
C ILE A 289 2.92 9.98 -26.45
N ILE A 290 4.18 10.36 -26.65
CA ILE A 290 4.52 11.76 -26.83
C ILE A 290 4.00 12.28 -28.17
N ALA A 291 4.08 11.46 -29.21
CA ALA A 291 3.52 11.84 -30.49
C ALA A 291 2.02 12.11 -30.39
N ASN A 292 1.30 11.24 -29.70
CA ASN A 292 -0.14 11.44 -29.55
C ASN A 292 -0.41 12.70 -28.73
N ALA A 293 0.39 12.93 -27.69
CA ALA A 293 0.14 14.12 -26.88
C ALA A 293 0.37 15.38 -27.69
N LYS A 294 1.46 15.43 -28.45
CA LYS A 294 1.74 16.61 -29.27
C LYS A 294 0.65 16.84 -30.31
N ALA A 295 0.13 15.74 -30.86
CA ALA A 295 -0.94 15.85 -31.84
C ALA A 295 -2.17 16.54 -31.24
N MET A 296 -2.55 16.13 -30.02
CA MET A 296 -3.72 16.72 -29.39
C MET A 296 -3.47 18.18 -29.03
N VAL A 297 -2.26 18.50 -28.58
CA VAL A 297 -1.96 19.88 -28.23
C VAL A 297 -2.19 20.80 -29.43
N LYS A 298 -1.83 20.32 -30.64
CA LYS A 298 -2.05 21.14 -31.82
C LYS A 298 -3.54 21.42 -32.06
N VAL A 299 -4.39 20.40 -31.89
CA VAL A 299 -5.84 20.61 -32.01
C VAL A 299 -6.30 21.63 -30.98
N PHE A 300 -5.87 21.47 -29.73
CA PHE A 300 -6.34 22.36 -28.67
C PHE A 300 -5.87 23.79 -28.89
N ASN A 301 -4.66 23.97 -29.44
CA ASN A 301 -4.15 25.31 -29.68
C ASN A 301 -5.01 26.05 -30.71
N GLN A 302 -5.36 25.38 -31.80
CA GLN A 302 -6.18 25.98 -32.85
C GLN A 302 -7.64 26.15 -32.45
N ALA A 303 -8.14 25.33 -31.54
CA ALA A 303 -9.54 25.46 -31.15
C ALA A 303 -9.74 26.73 -30.34
N ILE A 304 -10.82 27.44 -30.64
CA ILE A 304 -11.19 28.60 -29.85
C ILE A 304 -11.83 28.15 -28.54
N GLY A 305 -11.34 28.66 -27.42
CA GLY A 305 -11.91 28.37 -26.13
C GLY A 305 -11.10 27.45 -25.25
N THR A 306 -10.22 26.63 -25.83
CA THR A 306 -9.28 25.79 -25.10
C THR A 306 -7.87 26.33 -25.25
N ARG A 307 -7.26 26.67 -24.12
CA ARG A 307 -5.89 27.19 -24.07
C ARG A 307 -4.98 26.17 -23.42
N VAL A 308 -3.94 25.75 -24.13
CA VAL A 308 -2.93 24.84 -23.59
C VAL A 308 -1.94 25.61 -22.73
N ILE A 309 -1.84 25.21 -21.46
CA ILE A 309 -0.84 25.80 -20.57
C ILE A 309 0.55 25.61 -21.18
N SER A 310 1.28 26.71 -21.31
CA SER A 310 2.63 26.79 -21.89
C SER A 310 2.59 26.60 -23.40
N GLY A 311 1.44 26.23 -23.97
CA GLY A 311 1.28 26.17 -25.40
C GLY A 311 1.91 24.98 -26.10
N ALA A 312 2.48 24.04 -25.36
CA ALA A 312 3.19 22.94 -25.96
C ALA A 312 3.33 21.84 -24.92
N THR A 313 3.63 20.63 -25.38
CA THR A 313 3.99 19.54 -24.49
C THR A 313 5.25 18.89 -24.99
N ASP A 314 6.09 18.45 -24.04
CA ASP A 314 7.24 17.63 -24.32
C ASP A 314 7.06 16.20 -23.83
N ASN A 315 5.95 15.90 -23.17
CA ASN A 315 5.79 14.59 -22.58
C ASN A 315 4.40 14.06 -22.87
N HIS A 316 3.79 13.43 -21.86
CA HIS A 316 2.55 12.70 -22.03
C HIS A 316 1.30 13.53 -21.72
N LEU A 317 1.44 14.72 -21.14
CA LEU A 317 0.26 15.38 -20.61
C LEU A 317 0.16 16.82 -21.08
N MET A 318 -1.01 17.40 -20.82
CA MET A 318 -1.34 18.78 -21.10
C MET A 318 -2.36 19.30 -20.09
N LEU A 319 -2.23 20.57 -19.74
CA LEU A 319 -3.26 21.27 -18.98
C LEU A 319 -4.01 22.17 -19.94
N ILE A 320 -5.33 22.09 -19.91
CA ILE A 320 -6.20 22.85 -20.81
C ILE A 320 -6.95 23.86 -19.96
N ASP A 321 -6.70 25.15 -20.17
CA ASP A 321 -7.43 26.22 -19.52
C ASP A 321 -8.79 26.34 -20.20
N VAL A 322 -9.87 26.03 -19.46
CA VAL A 322 -11.21 25.99 -20.04
C VAL A 322 -12.00 27.27 -19.77
N ARG A 323 -11.36 28.30 -19.21
CA ARG A 323 -12.09 29.48 -18.74
C ARG A 323 -12.81 30.22 -19.87
N GLU A 324 -12.25 30.26 -21.08
CA GLU A 324 -12.94 30.98 -22.15
C GLU A 324 -14.27 30.35 -22.54
N LEU A 325 -14.51 29.09 -22.20
CA LEU A 325 -15.81 28.45 -22.43
C LEU A 325 -16.83 28.80 -21.35
N GLY A 326 -16.49 29.68 -20.41
CA GLY A 326 -17.41 30.05 -19.35
C GLY A 326 -17.68 28.98 -18.32
N ILE A 327 -16.84 27.95 -18.26
CA ILE A 327 -17.00 26.84 -17.35
C ILE A 327 -15.74 26.75 -16.48
N ASN A 328 -15.82 25.97 -15.41
CA ASN A 328 -14.62 25.65 -14.66
C ASN A 328 -14.24 24.19 -14.90
N GLY A 329 -13.12 23.77 -14.31
CA GLY A 329 -12.60 22.45 -14.60
C GLY A 329 -13.55 21.35 -14.17
N LYS A 330 -14.25 21.55 -13.05
CA LYS A 330 -15.19 20.54 -12.58
C LYS A 330 -16.35 20.37 -13.56
N GLU A 331 -16.83 21.48 -14.11
CA GLU A 331 -17.91 21.38 -15.08
C GLU A 331 -17.42 20.76 -16.38
N ALA A 332 -16.22 21.16 -16.83
CA ALA A 332 -15.62 20.50 -17.98
C ALA A 332 -15.49 19.00 -17.74
N GLU A 333 -15.09 18.60 -16.53
CA GLU A 333 -15.00 17.18 -16.21
C GLU A 333 -16.36 16.49 -16.36
N SER A 334 -17.41 17.13 -15.85
CA SER A 334 -18.73 16.51 -15.88
C SER A 334 -19.31 16.46 -17.29
N ILE A 335 -19.15 17.55 -18.06
CA ILE A 335 -19.56 17.53 -19.47
C ILE A 335 -18.93 16.36 -20.19
N LEU A 336 -17.60 16.27 -20.11
CA LEU A 336 -16.89 15.24 -20.86
C LEU A 336 -17.28 13.85 -20.42
N ASP A 337 -17.58 13.68 -19.12
CA ASP A 337 -17.98 12.37 -18.64
C ASP A 337 -19.31 11.95 -19.25
N SER A 338 -20.23 12.90 -19.38
CA SER A 338 -21.54 12.60 -19.96
C SER A 338 -21.42 12.15 -21.41
N VAL A 339 -20.32 12.42 -22.11
CA VAL A 339 -20.10 11.90 -23.45
C VAL A 339 -19.02 10.81 -23.46
N ASN A 340 -18.73 10.21 -22.30
CA ASN A 340 -17.85 9.05 -22.16
C ASN A 340 -16.37 9.38 -22.41
N ILE A 341 -15.99 10.61 -22.08
CA ILE A 341 -14.59 11.03 -22.06
C ILE A 341 -14.22 11.31 -20.61
N THR A 342 -13.23 10.58 -20.09
CA THR A 342 -12.85 10.67 -18.67
C THR A 342 -11.58 11.50 -18.54
N VAL A 343 -11.69 12.66 -17.90
CA VAL A 343 -10.54 13.50 -17.57
C VAL A 343 -10.58 13.76 -16.07
N ASN A 344 -9.69 14.62 -15.58
CA ASN A 344 -9.84 15.18 -14.24
C ASN A 344 -9.68 16.69 -14.32
N LYS A 345 -10.50 17.39 -13.56
CA LYS A 345 -10.26 18.80 -13.29
C LYS A 345 -8.86 18.98 -12.72
N ASN A 346 -8.27 20.13 -12.99
CA ASN A 346 -6.90 20.31 -12.53
C ASN A 346 -6.60 21.79 -12.36
N SER A 347 -5.87 22.11 -11.30
CA SER A 347 -5.37 23.46 -11.15
C SER A 347 -4.46 23.81 -12.32
N ILE A 348 -4.48 25.07 -12.70
CA ILE A 348 -3.52 25.60 -13.67
C ILE A 348 -2.61 26.57 -12.93
N PRO A 349 -1.46 26.95 -13.48
CA PRO A 349 -0.58 27.89 -12.78
C PRO A 349 -1.34 29.15 -12.39
N PHE A 350 -1.02 29.67 -11.20
CA PHE A 350 -1.71 30.86 -10.66
C PHE A 350 -3.21 30.64 -10.56
N GLU A 351 -3.59 29.39 -10.25
CA GLU A 351 -4.98 29.03 -10.05
C GLU A 351 -5.65 29.98 -9.08
N THR A 352 -6.85 30.44 -9.44
CA THR A 352 -7.62 31.34 -8.58
C THR A 352 -8.79 30.65 -7.90
N LEU A 353 -9.23 29.48 -8.37
CA LEU A 353 -10.36 28.75 -7.81
C LEU A 353 -9.87 27.64 -6.90
N SER A 354 -10.82 27.01 -6.19
CA SER A 354 -10.42 25.96 -5.24
C SER A 354 -10.03 24.70 -6.00
N PRO A 355 -9.22 23.85 -5.40
CA PRO A 355 -8.83 22.59 -6.05
C PRO A 355 -10.01 21.68 -6.41
N PHE A 356 -11.22 21.95 -5.92
CA PHE A 356 -12.35 21.13 -6.27
C PHE A 356 -13.17 21.72 -7.41
N LYS A 357 -12.96 22.98 -7.75
CA LYS A 357 -13.50 23.58 -8.98
C LYS A 357 -12.45 23.65 -10.08
N THR A 358 -11.34 24.35 -9.82
CA THR A 358 -10.21 24.57 -10.73
C THR A 358 -10.62 25.32 -12.00
N SER A 359 -9.62 25.75 -12.76
CA SER A 359 -9.82 26.48 -14.01
C SER A 359 -9.50 25.63 -15.24
N GLY A 360 -9.19 24.36 -15.06
CA GLY A 360 -8.82 23.59 -16.22
C GLY A 360 -9.04 22.11 -16.02
N ILE A 361 -8.71 21.37 -17.06
CA ILE A 361 -8.69 19.92 -17.02
C ILE A 361 -7.31 19.47 -17.46
N ARG A 362 -6.94 18.26 -17.04
CA ARG A 362 -5.69 17.64 -17.44
C ARG A 362 -6.00 16.46 -18.33
N ILE A 363 -5.20 16.30 -19.38
CA ILE A 363 -5.38 15.24 -20.37
C ILE A 363 -4.01 14.63 -20.62
N GLY A 364 -3.98 13.30 -20.67
CA GLY A 364 -2.75 12.59 -20.98
C GLY A 364 -3.02 11.42 -21.89
N THR A 365 -2.01 11.06 -22.64
CA THR A 365 -2.18 10.00 -23.63
C THR A 365 -1.70 8.59 -23.26
N PRO A 366 -1.06 8.32 -22.11
CA PRO A 366 -0.56 6.95 -21.90
C PRO A 366 -1.60 5.85 -22.08
N ALA A 367 -2.83 6.07 -21.62
CA ALA A 367 -3.83 5.00 -21.64
C ALA A 367 -4.40 4.75 -23.05
N ILE A 368 -4.74 5.81 -23.80
CA ILE A 368 -5.25 5.57 -25.15
C ILE A 368 -4.14 5.07 -26.06
N THR A 369 -2.89 5.48 -25.81
CA THR A 369 -1.78 4.91 -26.55
C THR A 369 -1.68 3.41 -26.29
N THR A 370 -1.90 2.99 -25.05
CA THR A 370 -1.83 1.57 -24.74
C THR A 370 -2.91 0.80 -25.49
N ARG A 371 -4.11 1.38 -25.66
CA ARG A 371 -5.12 0.70 -26.46
C ARG A 371 -4.77 0.66 -27.95
N GLY A 372 -3.78 1.41 -28.39
CA GLY A 372 -3.38 1.36 -29.79
C GLY A 372 -3.59 2.64 -30.58
N PHE A 373 -4.11 3.72 -29.98
CA PHE A 373 -4.35 4.95 -30.74
C PHE A 373 -3.05 5.45 -31.36
N LYS A 374 -3.16 5.94 -32.59
CA LYS A 374 -2.07 6.66 -33.26
C LYS A 374 -2.49 8.13 -33.42
N GLU A 375 -1.62 8.93 -34.06
CA GLU A 375 -1.84 10.37 -34.04
C GLU A 375 -3.16 10.77 -34.67
N GLU A 376 -3.56 10.10 -35.76
CA GLU A 376 -4.85 10.39 -36.37
C GLU A 376 -5.96 10.27 -35.35
N ASP A 377 -5.89 9.22 -34.52
CA ASP A 377 -6.93 8.93 -33.54
C ASP A 377 -6.86 9.88 -32.35
N ALA A 378 -5.63 10.17 -31.89
CA ALA A 378 -5.44 11.24 -30.89
C ALA A 378 -6.06 12.54 -31.34
N VAL A 379 -5.85 12.91 -32.62
CA VAL A 379 -6.42 14.15 -33.15
C VAL A 379 -7.94 14.11 -33.08
N LYS A 380 -8.53 12.93 -33.33
CA LYS A 380 -9.98 12.82 -33.27
C LYS A 380 -10.47 12.97 -31.83
N VAL A 381 -9.75 12.38 -30.87
CA VAL A 381 -10.08 12.55 -29.46
C VAL A 381 -10.10 14.03 -29.10
N ALA A 382 -9.02 14.74 -29.43
CA ALA A 382 -8.94 16.16 -29.13
C ALA A 382 -10.09 16.92 -29.78
N GLU A 383 -10.40 16.61 -31.04
CA GLU A 383 -11.53 17.27 -31.71
C GLU A 383 -12.83 16.99 -31.00
N LEU A 384 -13.00 15.76 -30.50
CA LEU A 384 -14.23 15.43 -29.78
C LEU A 384 -14.31 16.18 -28.46
N VAL A 385 -13.19 16.28 -27.74
CA VAL A 385 -13.15 17.02 -26.48
C VAL A 385 -13.56 18.48 -26.73
N VAL A 386 -13.00 19.08 -27.78
CA VAL A 386 -13.34 20.47 -28.14
C VAL A 386 -14.80 20.60 -28.50
N LYS A 387 -15.32 19.65 -29.29
CA LYS A 387 -16.71 19.70 -29.72
C LYS A 387 -17.64 19.64 -28.52
N ALA A 388 -17.34 18.75 -27.57
CA ALA A 388 -18.18 18.58 -26.39
C ALA A 388 -18.13 19.81 -25.50
N LEU A 389 -16.96 20.41 -25.32
CA LEU A 389 -16.87 21.57 -24.43
C LEU A 389 -17.53 22.78 -25.07
N GLN A 390 -17.55 22.84 -26.40
CA GLN A 390 -18.24 23.90 -27.10
C GLN A 390 -19.73 23.62 -27.31
N ALA A 391 -20.21 22.43 -26.93
CA ALA A 391 -21.58 22.05 -27.26
C ALA A 391 -22.59 22.90 -26.49
N LYS A 392 -22.32 23.18 -25.21
CA LYS A 392 -23.02 24.27 -24.51
C LYS A 392 -24.54 24.09 -24.54
N ASP A 393 -25.02 22.94 -24.03
CA ASP A 393 -26.44 22.61 -24.01
C ASP A 393 -27.01 22.34 -25.41
N ASP A 394 -26.20 21.99 -26.41
CA ASP A 394 -26.76 21.41 -27.61
C ASP A 394 -26.62 19.88 -27.55
N ASN A 395 -27.69 19.21 -27.13
CA ASN A 395 -27.62 17.78 -26.89
C ASN A 395 -27.38 16.99 -28.18
N ALA A 396 -27.74 17.56 -29.33
CA ALA A 396 -27.47 16.90 -30.61
C ALA A 396 -25.95 16.79 -30.83
N GLN A 397 -25.24 17.90 -30.62
CA GLN A 397 -23.78 17.89 -30.72
C GLN A 397 -23.18 16.85 -29.78
N LEU A 398 -23.67 16.79 -28.54
CA LEU A 398 -23.15 15.83 -27.58
C LEU A 398 -23.33 14.39 -28.06
N ASP A 399 -24.48 14.09 -28.67
CA ASP A 399 -24.70 12.75 -29.19
C ASP A 399 -23.76 12.41 -30.33
N GLU A 400 -23.39 13.41 -31.12
CA GLU A 400 -22.37 13.16 -32.13
C GLU A 400 -21.01 12.89 -31.48
N VAL A 401 -20.67 13.62 -30.42
CA VAL A 401 -19.42 13.32 -29.72
C VAL A 401 -19.44 11.89 -29.21
N LYS A 402 -20.55 11.49 -28.58
CA LYS A 402 -20.69 10.12 -28.11
C LYS A 402 -20.46 9.12 -29.23
N THR A 403 -21.04 9.39 -30.41
CA THR A 403 -20.87 8.49 -31.55
C THR A 403 -19.40 8.34 -31.92
N GLY A 404 -18.66 9.46 -31.93
CA GLY A 404 -17.25 9.42 -32.26
C GLY A 404 -16.41 8.67 -31.24
N VAL A 405 -16.78 8.81 -29.96
CA VAL A 405 -16.13 8.02 -28.92
C VAL A 405 -16.36 6.54 -29.18
N ARG A 406 -17.61 6.18 -29.54
CA ARG A 406 -17.93 4.79 -29.84
C ARG A 406 -17.10 4.26 -30.99
N GLU A 407 -16.94 5.05 -32.06
CA GLU A 407 -16.13 4.61 -33.18
C GLU A 407 -14.71 4.35 -32.75
N LEU A 408 -14.15 5.20 -31.88
CA LEU A 408 -12.78 5.02 -31.43
C LEU A 408 -12.64 3.82 -30.50
N THR A 409 -13.57 3.65 -29.54
CA THR A 409 -13.43 2.53 -28.63
C THR A 409 -13.74 1.21 -29.32
N GLU A 410 -14.62 1.23 -30.33
CA GLU A 410 -14.85 0.01 -31.10
C GLU A 410 -13.65 -0.30 -32.00
N LYS A 411 -12.96 0.72 -32.49
CA LYS A 411 -11.80 0.50 -33.34
C LYS A 411 -10.59 -0.01 -32.57
N PHE A 412 -10.48 0.34 -31.28
CA PHE A 412 -9.33 -0.06 -30.46
C PHE A 412 -9.83 -0.76 -29.21
N PRO A 413 -10.30 -2.00 -29.33
CA PRO A 413 -10.77 -2.73 -28.16
C PRO A 413 -9.65 -2.92 -27.15
N LEU A 414 -10.05 -2.99 -25.89
CA LEU A 414 -9.13 -3.00 -24.75
C LEU A 414 -9.23 -4.34 -24.02
N HIS A 415 -10.34 -4.62 -23.36
CA HIS A 415 -10.54 -5.84 -22.58
C HIS A 415 -11.30 -6.91 -23.35
N LYS A 416 -11.69 -6.63 -24.60
CA LYS A 416 -12.41 -7.59 -25.44
C LYS A 416 -11.47 -8.55 -26.18
N VAL B 5 -0.89 -18.44 -19.61
CA VAL B 5 0.27 -19.24 -19.97
C VAL B 5 1.01 -18.60 -21.15
N ASP B 6 0.35 -17.66 -21.83
CA ASP B 6 0.99 -16.99 -22.96
C ASP B 6 2.04 -15.99 -22.47
N TYR B 7 1.64 -15.08 -21.58
CA TYR B 7 2.56 -14.15 -20.94
C TYR B 7 3.60 -14.82 -20.04
N LYS B 8 3.34 -16.05 -19.56
CA LYS B 8 4.37 -16.72 -18.79
C LYS B 8 5.59 -17.05 -19.63
N THR B 9 5.46 -17.07 -20.95
CA THR B 9 6.62 -17.34 -21.77
C THR B 9 7.52 -16.13 -21.90
N PHE B 10 6.94 -14.93 -21.81
CA PHE B 10 7.73 -13.71 -21.90
C PHE B 10 8.63 -13.49 -20.70
N ASP B 11 8.22 -13.95 -19.50
CA ASP B 11 8.96 -13.72 -18.27
C ASP B 11 9.10 -15.03 -17.49
N PRO B 12 9.88 -15.96 -18.03
CA PRO B 12 10.00 -17.29 -17.40
C PRO B 12 10.50 -17.25 -15.96
N ASP B 13 11.47 -16.37 -15.68
CA ASP B 13 12.12 -16.32 -14.37
C ASP B 13 11.11 -15.96 -13.29
N LEU B 14 10.28 -14.95 -13.57
CA LEU B 14 9.31 -14.50 -12.59
C LEU B 14 8.23 -15.56 -12.36
N TRP B 15 7.66 -16.10 -13.44
CA TRP B 15 6.56 -17.04 -13.25
C TRP B 15 7.06 -18.36 -12.68
N ALA B 16 8.32 -18.67 -12.93
CA ALA B 16 8.92 -19.81 -12.24
C ALA B 16 8.97 -19.58 -10.73
N ALA B 17 9.39 -18.38 -10.30
CA ALA B 17 9.43 -18.09 -8.87
C ALA B 17 8.05 -18.14 -8.24
N ILE B 18 7.04 -17.60 -8.93
CA ILE B 18 5.69 -17.63 -8.40
C ILE B 18 5.20 -19.07 -8.29
N ALA B 19 5.54 -19.93 -9.27
CA ALA B 19 5.13 -21.33 -9.17
C ALA B 19 5.77 -22.02 -7.98
N LYS B 20 7.05 -21.73 -7.70
CA LYS B 20 7.71 -22.33 -6.55
C LYS B 20 7.03 -21.91 -5.26
N GLU B 21 6.66 -20.63 -5.15
CA GLU B 21 6.00 -20.17 -3.94
C GLU B 21 4.65 -20.87 -3.76
N GLU B 22 3.97 -21.18 -4.87
CA GLU B 22 2.72 -21.92 -4.76
C GLU B 22 2.97 -23.33 -4.23
N GLU B 23 4.02 -24.01 -4.73
CA GLU B 23 4.39 -25.30 -4.17
C GLU B 23 4.82 -25.18 -2.72
N ARG B 24 5.55 -24.11 -2.39
CA ARG B 24 6.01 -23.94 -1.01
C ARG B 24 4.84 -23.85 -0.05
N GLN B 25 3.82 -23.06 -0.41
CA GLN B 25 2.64 -23.00 0.44
C GLN B 25 1.91 -24.33 0.48
N GLU B 26 1.95 -25.09 -0.63
CA GLU B 26 1.29 -26.38 -0.69
C GLU B 26 1.97 -27.40 0.23
N HIS B 27 3.30 -27.45 0.23
CA HIS B 27 4.03 -28.55 0.84
C HIS B 27 4.61 -28.21 2.20
N ASN B 28 4.45 -26.98 2.69
CA ASN B 28 4.88 -26.66 4.04
C ASN B 28 3.68 -26.47 4.95
N LEU B 29 3.92 -26.59 6.25
CA LEU B 29 2.95 -26.18 7.25
C LEU B 29 3.22 -24.72 7.58
N GLU B 30 2.30 -23.83 7.19
CA GLU B 30 2.43 -22.40 7.41
C GLU B 30 1.92 -22.09 8.82
N LEU B 31 2.84 -21.84 9.75
CA LEU B 31 2.45 -21.58 11.12
C LEU B 31 2.72 -20.14 11.55
N ILE B 32 2.99 -19.24 10.60
CA ILE B 32 3.11 -17.83 10.93
C ILE B 32 1.75 -17.31 11.38
N ALA B 33 1.68 -16.80 12.61
CA ALA B 33 0.38 -16.46 13.19
C ALA B 33 -0.33 -15.37 12.40
N SER B 34 0.41 -14.51 11.71
CA SER B 34 -0.16 -13.38 11.03
C SER B 34 -0.44 -13.68 9.55
N GLU B 35 -0.30 -14.92 9.13
CA GLU B 35 -0.59 -15.31 7.76
C GLU B 35 -1.91 -16.08 7.66
N ASN B 36 -2.35 -16.25 6.42
CA ASN B 36 -3.59 -16.94 6.10
C ASN B 36 -3.56 -17.29 4.62
N PHE B 37 -4.61 -17.94 4.15
CA PHE B 37 -4.77 -18.24 2.72
C PHE B 37 -6.08 -17.64 2.26
N VAL B 38 -6.01 -16.61 1.41
CA VAL B 38 -7.22 -15.93 0.98
C VAL B 38 -7.92 -16.77 -0.09
N SER B 39 -9.21 -16.50 -0.25
CA SER B 39 -10.05 -17.19 -1.21
C SER B 39 -9.66 -16.80 -2.64
N GLU B 40 -10.18 -17.58 -3.60
CA GLU B 40 -9.95 -17.24 -5.00
C GLU B 40 -10.60 -15.91 -5.36
N ALA B 41 -11.76 -15.60 -4.77
CA ALA B 41 -12.40 -14.32 -5.03
C ALA B 41 -11.51 -13.16 -4.56
N VAL B 42 -10.89 -13.28 -3.38
CA VAL B 42 -10.00 -12.22 -2.92
C VAL B 42 -8.87 -12.01 -3.92
N MET B 43 -8.26 -13.10 -4.39
CA MET B 43 -7.20 -12.98 -5.38
C MET B 43 -7.70 -12.41 -6.70
N ALA B 44 -8.89 -12.83 -7.14
CA ALA B 44 -9.43 -12.32 -8.39
C ALA B 44 -9.68 -10.80 -8.30
N ALA B 45 -10.22 -10.34 -7.17
CA ALA B 45 -10.42 -8.91 -7.00
C ALA B 45 -9.10 -8.16 -7.09
N GLN B 46 -8.07 -8.65 -6.38
CA GLN B 46 -6.77 -8.00 -6.46
C GLN B 46 -6.18 -8.09 -7.87
N GLY B 47 -6.49 -9.16 -8.60
CA GLY B 47 -6.01 -9.28 -9.96
C GLY B 47 -6.91 -8.66 -11.01
N SER B 48 -7.79 -7.73 -10.61
CA SER B 48 -8.82 -7.18 -11.49
C SER B 48 -8.38 -5.87 -12.17
N ILE B 49 -9.25 -5.34 -13.03
CA ILE B 49 -8.93 -4.09 -13.74
C ILE B 49 -9.03 -2.86 -12.84
N LEU B 50 -9.45 -3.03 -11.58
CA LEU B 50 -9.54 -1.88 -10.68
C LEU B 50 -8.18 -1.28 -10.37
N THR B 51 -7.10 -2.03 -10.61
CA THR B 51 -5.77 -1.46 -10.45
C THR B 51 -5.54 -0.25 -11.36
N ASN B 52 -6.35 -0.07 -12.41
CA ASN B 52 -6.15 1.00 -13.38
C ASN B 52 -6.78 2.33 -12.99
N LYS B 53 -7.58 2.39 -11.93
CA LYS B 53 -8.36 3.58 -11.59
C LYS B 53 -7.68 4.44 -10.53
N TYR B 54 -7.49 5.72 -10.83
CA TYR B 54 -7.17 6.72 -9.82
C TYR B 54 -8.46 7.21 -9.18
N ALA B 55 -8.51 7.19 -7.84
CA ALA B 55 -9.72 7.52 -7.09
C ALA B 55 -9.40 8.31 -5.83
N GLU B 56 -8.48 9.27 -5.91
CA GLU B 56 -8.24 10.15 -4.77
C GLU B 56 -9.55 10.76 -4.28
N GLY B 57 -9.68 10.85 -2.96
CA GLY B 57 -10.91 11.29 -2.36
C GLY B 57 -11.69 10.12 -1.78
N TYR B 58 -12.97 10.36 -1.57
CA TYR B 58 -13.85 9.40 -0.94
C TYR B 58 -15.09 9.24 -1.79
N PRO B 59 -15.83 8.13 -1.63
CA PRO B 59 -16.98 7.86 -2.51
C PRO B 59 -17.91 9.05 -2.62
N GLY B 60 -18.24 9.41 -3.86
CA GLY B 60 -19.05 10.58 -4.09
C GLY B 60 -18.29 11.89 -4.15
N HIS B 61 -17.04 11.93 -3.66
CA HIS B 61 -16.29 13.17 -3.61
C HIS B 61 -14.86 12.90 -4.08
N ARG B 62 -14.69 12.59 -5.36
CA ARG B 62 -13.38 12.26 -5.89
C ARG B 62 -12.74 13.46 -6.58
N TYR B 63 -11.42 13.36 -6.78
CA TYR B 63 -10.67 14.34 -7.56
C TYR B 63 -10.50 13.89 -9.01
N TYR B 64 -11.20 12.85 -9.42
CA TYR B 64 -11.10 12.33 -10.78
C TYR B 64 -12.49 12.01 -11.30
N GLY B 65 -12.62 12.06 -12.63
CA GLY B 65 -13.81 11.53 -13.25
C GLY B 65 -13.76 10.01 -13.31
N GLY B 66 -14.94 9.43 -13.55
CA GLY B 66 -15.06 8.02 -13.83
C GLY B 66 -15.00 7.10 -12.64
N CYS B 67 -15.42 7.58 -11.48
CA CYS B 67 -15.34 6.78 -10.26
C CYS B 67 -16.69 6.22 -9.86
N GLU B 68 -17.65 6.22 -10.78
CA GLU B 68 -18.98 5.70 -10.46
C GLU B 68 -18.93 4.32 -9.81
N PHE B 69 -18.16 3.40 -10.38
CA PHE B 69 -18.22 2.01 -9.98
C PHE B 69 -17.21 1.65 -8.91
N VAL B 70 -16.07 2.34 -8.92
CA VAL B 70 -15.16 2.27 -7.79
C VAL B 70 -15.84 2.78 -6.52
N ASP B 71 -16.73 3.77 -6.65
CA ASP B 71 -17.48 4.21 -5.48
C ASP B 71 -18.40 3.11 -4.95
N ILE B 72 -18.98 2.29 -5.84
CA ILE B 72 -19.80 1.18 -5.37
C ILE B 72 -18.93 0.19 -4.59
N VAL B 73 -17.77 -0.16 -5.16
CA VAL B 73 -16.87 -1.11 -4.50
C VAL B 73 -16.46 -0.59 -3.13
N GLU B 74 -16.03 0.66 -3.06
CA GLU B 74 -15.51 1.15 -1.79
C GLU B 74 -16.62 1.25 -0.75
N ASN B 75 -17.83 1.68 -1.15
CA ASN B 75 -18.96 1.71 -0.22
C ASN B 75 -19.36 0.29 0.19
N LEU B 76 -19.23 -0.68 -0.71
CA LEU B 76 -19.42 -2.07 -0.31
C LEU B 76 -18.49 -2.44 0.84
N ALA B 77 -17.22 -2.06 0.74
CA ALA B 77 -16.25 -2.39 1.78
C ALA B 77 -16.56 -1.63 3.07
N ILE B 78 -16.92 -0.36 2.97
CA ILE B 78 -17.23 0.45 4.16
C ILE B 78 -18.45 -0.13 4.86
N ASP B 79 -19.51 -0.39 4.10
CA ASP B 79 -20.76 -0.83 4.71
C ASP B 79 -20.60 -2.19 5.35
N ARG B 80 -19.95 -3.13 4.67
CA ARG B 80 -19.76 -4.44 5.26
C ARG B 80 -18.87 -4.37 6.49
N ALA B 81 -17.84 -3.51 6.46
CA ALA B 81 -17.01 -3.28 7.65
C ALA B 81 -17.84 -2.79 8.81
N LYS B 82 -18.71 -1.79 8.57
CA LYS B 82 -19.55 -1.26 9.63
C LYS B 82 -20.48 -2.34 10.16
N GLU B 83 -20.94 -3.24 9.30
CA GLU B 83 -21.81 -4.34 9.73
C GLU B 83 -21.03 -5.41 10.50
N LEU B 84 -19.84 -5.79 10.01
CA LEU B 84 -19.01 -6.76 10.73
C LEU B 84 -18.73 -6.34 12.18
N PHE B 85 -18.41 -5.06 12.39
CA PHE B 85 -17.86 -4.64 13.67
C PHE B 85 -18.74 -3.67 14.44
N GLY B 86 -19.84 -3.19 13.87
CA GLY B 86 -20.69 -2.29 14.62
C GLY B 86 -20.21 -0.86 14.71
N ALA B 87 -19.28 -0.47 13.85
CA ALA B 87 -18.79 0.90 13.83
C ALA B 87 -19.73 1.79 13.05
N LYS B 88 -19.85 3.04 13.51
CA LYS B 88 -20.62 4.02 12.75
C LYS B 88 -19.84 4.56 11.58
N PHE B 89 -18.51 4.46 11.61
CA PHE B 89 -17.68 4.96 10.53
C PHE B 89 -16.54 3.98 10.27
N ALA B 90 -16.16 3.91 9.00
CA ALA B 90 -15.09 3.04 8.57
C ALA B 90 -14.32 3.74 7.46
N ASN B 91 -13.00 3.58 7.49
CA ASN B 91 -12.13 4.01 6.40
C ASN B 91 -11.37 2.78 5.92
N VAL B 92 -11.54 2.43 4.65
CA VAL B 92 -10.94 1.21 4.09
C VAL B 92 -9.77 1.50 3.18
N GLN B 93 -9.31 2.75 3.13
CA GLN B 93 -8.22 3.12 2.22
C GLN B 93 -6.79 2.88 2.72
N PRO B 94 -6.51 2.69 4.02
CA PRO B 94 -5.11 2.49 4.44
C PRO B 94 -4.44 1.34 3.69
N HIS B 95 -3.27 1.62 3.12
CA HIS B 95 -2.52 0.63 2.36
C HIS B 95 -2.06 -0.56 3.20
N SER B 96 -1.99 -0.41 4.53
CA SER B 96 -1.45 -1.44 5.41
C SER B 96 -1.89 -1.13 6.82
N GLY B 97 -1.57 -2.03 7.75
CA GLY B 97 -1.82 -1.75 9.16
C GLY B 97 -0.97 -0.59 9.66
N SER B 98 0.22 -0.43 9.10
CA SER B 98 1.08 0.67 9.52
C SER B 98 0.53 2.02 9.07
N GLN B 99 -0.02 2.09 7.85
CA GLN B 99 -0.65 3.33 7.44
C GLN B 99 -1.89 3.62 8.27
N ALA B 100 -2.69 2.60 8.56
CA ALA B 100 -3.87 2.79 9.40
C ALA B 100 -3.49 3.41 10.75
N ASN B 101 -2.49 2.84 11.43
CA ASN B 101 -2.08 3.34 12.74
C ASN B 101 -1.48 4.75 12.63
N THR B 102 -0.73 5.03 11.55
CA THR B 102 -0.19 6.37 11.33
C THR B 102 -1.31 7.41 11.29
N ALA B 103 -2.40 7.12 10.57
CA ALA B 103 -3.48 8.08 10.49
C ALA B 103 -4.26 8.16 11.79
N ALA B 104 -4.41 7.03 12.48
CA ALA B 104 -5.11 7.03 13.77
C ALA B 104 -4.43 7.97 14.76
N TYR B 105 -3.10 7.89 14.88
CA TYR B 105 -2.36 8.81 15.74
C TYR B 105 -2.58 10.25 15.30
N LEU B 106 -2.57 10.51 13.99
CA LEU B 106 -2.83 11.86 13.48
C LEU B 106 -4.20 12.37 13.93
N ALA B 107 -5.20 11.49 13.98
CA ALA B 107 -6.51 11.97 14.40
C ALA B 107 -6.64 12.13 15.91
N LEU B 108 -5.73 11.56 16.69
CA LEU B 108 -5.87 11.49 18.14
C LEU B 108 -4.91 12.37 18.93
N VAL B 109 -3.65 12.50 18.52
CA VAL B 109 -2.65 13.19 19.32
C VAL B 109 -1.85 14.12 18.43
N GLU B 110 -0.91 14.83 19.03
CA GLU B 110 0.00 15.75 18.36
C GLU B 110 1.41 15.21 18.52
N PRO B 111 2.33 15.59 17.65
CA PRO B 111 3.71 15.11 17.77
C PRO B 111 4.29 15.51 19.11
N GLY B 112 5.03 14.57 19.70
CA GLY B 112 5.58 14.75 21.02
C GLY B 112 4.67 14.36 22.16
N ASP B 113 3.36 14.19 21.92
CA ASP B 113 2.45 13.80 23.00
C ASP B 113 2.85 12.46 23.58
N THR B 114 2.43 12.24 24.83
CA THR B 114 2.72 11.02 25.54
C THR B 114 1.66 9.96 25.24
N ILE B 115 2.13 8.78 24.83
CA ILE B 115 1.29 7.64 24.49
C ILE B 115 1.77 6.46 25.31
N LEU B 116 0.83 5.71 25.85
CA LEU B 116 1.11 4.51 26.64
C LEU B 116 0.71 3.29 25.80
N GLY B 117 1.70 2.47 25.45
CA GLY B 117 1.48 1.38 24.51
C GLY B 117 2.27 0.16 24.92
N MET B 118 1.87 -0.97 24.35
CA MET B 118 2.46 -2.22 24.78
C MET B 118 3.89 -2.33 24.24
N ASP B 119 4.82 -2.65 25.14
CA ASP B 119 6.22 -2.86 24.77
C ASP B 119 6.35 -3.99 23.76
N LEU B 120 7.28 -3.81 22.80
CA LEU B 120 7.38 -4.76 21.70
C LEU B 120 7.72 -6.16 22.19
N SER B 121 8.70 -6.29 23.10
CA SER B 121 9.07 -7.60 23.64
C SER B 121 7.89 -8.29 24.30
N ALA B 122 7.07 -7.54 25.03
CA ALA B 122 5.91 -8.13 25.69
C ALA B 122 4.81 -8.53 24.70
N GLY B 123 4.85 -8.00 23.48
CA GLY B 123 3.85 -8.38 22.49
C GLY B 123 3.30 -7.27 21.63
N GLY B 124 3.61 -6.02 21.93
CA GLY B 124 3.13 -4.92 21.13
C GLY B 124 3.77 -4.89 19.75
N HIS B 125 3.14 -4.16 18.84
CA HIS B 125 3.64 -4.02 17.48
C HIS B 125 4.64 -2.87 17.38
N LEU B 126 5.52 -2.96 16.38
CA LEU B 126 6.44 -1.87 16.03
C LEU B 126 5.79 -0.50 16.12
N THR B 127 4.56 -0.38 15.59
CA THR B 127 3.87 0.90 15.53
C THR B 127 3.21 1.26 16.86
N HIS B 128 3.44 0.48 17.91
CA HIS B 128 3.00 0.81 19.26
C HIS B 128 4.11 1.43 20.07
N GLY B 129 5.10 2.03 19.42
CA GLY B 129 6.06 2.83 20.15
C GLY B 129 7.50 2.40 20.07
N SER B 130 7.82 1.50 19.16
CA SER B 130 9.22 1.16 18.96
C SER B 130 10.00 2.38 18.51
N PRO B 131 11.22 2.58 19.03
CA PRO B 131 12.03 3.75 18.62
C PRO B 131 12.66 3.66 17.25
N VAL B 132 12.62 2.52 16.56
CA VAL B 132 13.04 2.48 15.16
C VAL B 132 11.89 2.73 14.21
N ASN B 133 10.68 2.95 14.73
CA ASN B 133 9.46 3.13 13.96
C ASN B 133 9.01 4.58 14.05
N PHE B 134 8.12 4.99 13.13
CA PHE B 134 7.62 6.35 13.20
C PHE B 134 6.96 6.63 14.55
N SER B 135 6.25 5.62 15.10
CA SER B 135 5.52 5.83 16.33
C SER B 135 6.45 6.29 17.46
N GLY B 136 7.52 5.52 17.70
CA GLY B 136 8.45 5.89 18.76
C GLY B 136 9.23 7.15 18.44
N LYS B 137 9.50 7.41 17.16
CA LYS B 137 10.21 8.62 16.76
C LYS B 137 9.34 9.87 16.90
N THR B 138 8.04 9.76 16.66
CA THR B 138 7.21 10.95 16.56
C THR B 138 6.59 11.34 17.90
N TYR B 139 6.29 10.37 18.73
CA TYR B 139 5.53 10.59 19.95
C TYR B 139 6.34 10.08 21.11
N HIS B 140 5.96 10.52 22.30
CA HIS B 140 6.66 10.08 23.52
C HIS B 140 5.97 8.84 24.08
N PHE B 141 6.53 7.67 23.80
CA PHE B 141 5.90 6.42 24.19
C PHE B 141 6.39 5.97 25.55
N VAL B 142 5.45 5.63 26.42
CA VAL B 142 5.71 4.89 27.64
C VAL B 142 5.18 3.49 27.42
N ALA B 143 5.98 2.48 27.76
CA ALA B 143 5.62 1.11 27.44
C ALA B 143 5.14 0.37 28.68
N TYR B 144 4.03 -0.35 28.55
CA TYR B 144 3.65 -1.37 29.51
C TYR B 144 3.92 -2.76 28.94
N GLY B 145 4.20 -3.70 29.83
CA GLY B 145 4.54 -5.06 29.47
C GLY B 145 3.64 -6.10 30.13
N VAL B 146 4.18 -7.28 30.40
CA VAL B 146 3.46 -8.32 31.11
C VAL B 146 4.20 -8.63 32.42
N ASP B 147 3.45 -9.20 33.36
CA ASP B 147 4.00 -9.65 34.64
C ASP B 147 5.07 -10.73 34.43
N PRO B 148 6.19 -10.67 35.15
CA PRO B 148 7.26 -11.68 34.95
C PRO B 148 6.86 -13.10 35.28
N THR B 149 5.89 -13.30 36.18
CA THR B 149 5.50 -14.62 36.65
C THR B 149 4.39 -15.23 35.78
N THR B 150 3.33 -14.47 35.53
CA THR B 150 2.19 -14.94 34.75
C THR B 150 2.31 -14.61 33.27
N GLU B 151 3.15 -13.63 32.92
CA GLU B 151 3.35 -13.19 31.54
C GLU B 151 2.05 -12.75 30.86
N VAL B 152 1.13 -12.19 31.62
CA VAL B 152 -0.06 -11.54 31.08
C VAL B 152 -0.05 -10.09 31.55
N ILE B 153 -0.93 -9.28 30.95
CA ILE B 153 -0.97 -7.86 31.26
C ILE B 153 -1.44 -7.68 32.69
N ASP B 154 -0.68 -6.91 33.47
CA ASP B 154 -1.11 -6.52 34.81
C ASP B 154 -1.80 -5.17 34.70
N TYR B 155 -3.13 -5.18 34.78
CA TYR B 155 -3.87 -3.94 34.56
C TYR B 155 -3.65 -2.94 35.70
N ASN B 156 -3.17 -3.39 36.86
CA ASN B 156 -2.81 -2.42 37.88
C ASN B 156 -1.56 -1.67 37.47
N VAL B 157 -0.62 -2.37 36.84
CA VAL B 157 0.58 -1.71 36.35
C VAL B 157 0.24 -0.71 35.26
N VAL B 158 -0.70 -1.07 34.37
CA VAL B 158 -1.13 -0.12 33.35
C VAL B 158 -1.68 1.13 34.01
N ARG B 159 -2.53 0.95 35.02
CA ARG B 159 -3.11 2.10 35.72
C ARG B 159 -2.04 2.90 36.43
N ILE B 160 -1.07 2.24 37.06
CA ILE B 160 0.02 2.95 37.72
C ILE B 160 0.77 3.80 36.72
N LEU B 161 1.13 3.21 35.58
CA LEU B 161 1.82 3.96 34.54
C LEU B 161 0.97 5.11 34.03
N ALA B 162 -0.34 4.86 33.79
CA ALA B 162 -1.21 5.93 33.30
C ALA B 162 -1.29 7.10 34.28
N ARG B 163 -1.40 6.79 35.58
CA ARG B 163 -1.42 7.86 36.56
C ARG B 163 -0.08 8.57 36.62
N LYS B 164 1.03 7.83 36.62
CA LYS B 164 2.35 8.46 36.68
C LYS B 164 2.57 9.38 35.49
N HIS B 165 2.29 8.90 34.28
CA HIS B 165 2.72 9.57 33.06
C HIS B 165 1.65 10.45 32.42
N GLN B 166 0.39 10.35 32.84
CA GLN B 166 -0.67 11.21 32.31
C GLN B 166 -0.66 11.22 30.77
N PRO B 167 -0.81 10.06 30.14
CA PRO B 167 -0.72 10.04 28.67
C PRO B 167 -1.92 10.71 28.03
N LYS B 168 -1.73 11.24 26.82
CA LYS B 168 -2.85 11.69 26.01
C LYS B 168 -3.64 10.52 25.45
N LEU B 169 -2.98 9.38 25.27
CA LEU B 169 -3.53 8.24 24.55
C LEU B 169 -2.98 6.97 25.14
N ILE B 170 -3.85 5.96 25.30
CA ILE B 170 -3.44 4.61 25.64
C ILE B 170 -3.74 3.73 24.43
N VAL B 171 -2.77 2.92 24.03
CA VAL B 171 -2.92 1.98 22.93
C VAL B 171 -2.99 0.58 23.51
N ALA B 172 -3.99 -0.19 23.09
CA ALA B 172 -4.03 -1.61 23.41
C ALA B 172 -4.06 -2.40 22.12
N GLY B 173 -3.63 -3.66 22.21
CA GLY B 173 -3.53 -4.50 21.05
C GLY B 173 -2.13 -5.05 20.93
N ALA B 174 -1.95 -6.14 20.19
CA ALA B 174 -0.66 -6.81 20.24
C ALA B 174 -0.45 -7.65 18.99
N SER B 175 0.81 -7.85 18.67
CA SER B 175 1.24 -8.76 17.62
C SER B 175 1.57 -10.14 18.14
N ALA B 176 1.91 -10.28 19.42
CA ALA B 176 2.32 -11.58 19.97
C ALA B 176 1.82 -11.73 21.40
N TYR B 177 0.50 -11.71 21.57
CA TYR B 177 -0.14 -11.88 22.87
C TYR B 177 -1.27 -12.89 22.71
N GLY B 178 -1.14 -14.05 23.34
CA GLY B 178 -2.13 -15.09 23.22
C GLY B 178 -3.34 -15.01 24.12
N ARG B 179 -3.52 -13.92 24.86
CA ARG B 179 -4.54 -13.85 25.90
C ARG B 179 -5.60 -12.80 25.62
N THR B 180 -6.75 -12.99 26.24
CA THR B 180 -7.81 -12.00 26.11
C THR B 180 -7.36 -10.66 26.67
N ILE B 181 -7.63 -9.61 25.93
CA ILE B 181 -7.34 -8.24 26.34
C ILE B 181 -8.63 -7.64 26.86
N ASP B 182 -8.56 -7.01 28.04
CA ASP B 182 -9.72 -6.44 28.69
C ASP B 182 -9.90 -4.99 28.24
N PHE B 183 -10.60 -4.81 27.12
CA PHE B 183 -10.77 -3.45 26.58
C PHE B 183 -11.58 -2.57 27.52
N ALA B 184 -12.58 -3.15 28.19
CA ALA B 184 -13.34 -2.40 29.18
C ALA B 184 -12.42 -1.84 30.26
N LYS B 185 -11.53 -2.68 30.78
CA LYS B 185 -10.58 -2.24 31.79
C LYS B 185 -9.68 -1.14 31.24
N PHE B 186 -9.21 -1.31 29.99
CA PHE B 186 -8.40 -0.26 29.36
C PHE B 186 -9.18 1.05 29.27
N ARG B 187 -10.46 0.97 28.84
CA ARG B 187 -11.30 2.16 28.76
C ARG B 187 -11.44 2.84 30.11
N GLU B 188 -11.58 2.03 31.16
CA GLU B 188 -11.70 2.54 32.52
C GLU B 188 -10.43 3.27 32.96
N ILE B 189 -9.26 2.71 32.67
CA ILE B 189 -8.00 3.38 32.98
C ILE B 189 -7.85 4.66 32.17
N ALA B 190 -8.18 4.61 30.87
CA ALA B 190 -8.10 5.81 30.06
C ALA B 190 -8.99 6.91 30.61
N ASP B 191 -10.18 6.53 31.09
CA ASP B 191 -11.10 7.53 31.64
C ASP B 191 -10.56 8.14 32.93
N GLU B 192 -9.92 7.33 33.78
CA GLU B 192 -9.40 7.84 35.05
C GLU B 192 -8.37 8.94 34.85
N VAL B 193 -7.51 8.81 33.82
CA VAL B 193 -6.49 9.83 33.57
C VAL B 193 -6.87 10.75 32.43
N GLY B 194 -8.09 10.65 31.92
CA GLY B 194 -8.52 11.57 30.89
C GLY B 194 -7.89 11.36 29.52
N ALA B 195 -7.36 10.17 29.24
CA ALA B 195 -6.71 9.85 27.98
C ALA B 195 -7.71 9.28 26.98
N LYS B 196 -7.35 9.35 25.71
CA LYS B 196 -8.09 8.60 24.71
C LYS B 196 -7.59 7.15 24.67
N LEU B 197 -8.39 6.28 24.07
CA LEU B 197 -8.05 4.88 23.91
C LEU B 197 -8.07 4.51 22.43
N MET B 198 -6.97 3.97 21.94
CA MET B 198 -6.89 3.42 20.59
C MET B 198 -6.62 1.93 20.70
N VAL B 199 -7.38 1.13 19.97
CA VAL B 199 -7.18 -0.31 19.99
C VAL B 199 -6.82 -0.78 18.59
N ASP B 200 -5.73 -1.52 18.49
CA ASP B 200 -5.23 -2.09 17.25
C ASP B 200 -5.54 -3.57 17.33
N MET B 201 -6.64 -3.98 16.71
CA MET B 201 -7.10 -5.37 16.79
C MET B 201 -6.65 -6.22 15.60
N ALA B 202 -5.57 -5.82 14.93
CA ALA B 202 -5.16 -6.44 13.66
C ALA B 202 -5.14 -7.97 13.72
N HIS B 203 -4.53 -8.53 14.78
CA HIS B 203 -4.35 -9.97 14.86
C HIS B 203 -5.65 -10.68 15.16
N ILE B 204 -6.51 -10.08 15.97
CA ILE B 204 -7.68 -10.77 16.46
C ILE B 204 -8.94 -10.31 15.75
N ALA B 205 -8.81 -9.57 14.64
CA ALA B 205 -9.98 -8.91 14.07
C ALA B 205 -11.00 -9.93 13.61
N GLY B 206 -10.54 -11.05 13.03
CA GLY B 206 -11.45 -12.11 12.64
C GLY B 206 -12.18 -12.70 13.84
N LEU B 207 -11.43 -12.96 14.93
CA LEU B 207 -12.06 -13.50 16.14
C LEU B 207 -13.07 -12.51 16.71
N VAL B 208 -12.76 -11.21 16.69
CA VAL B 208 -13.72 -10.22 17.14
C VAL B 208 -14.98 -10.28 16.28
N ALA B 209 -14.81 -10.32 14.95
CA ALA B 209 -15.95 -10.38 14.04
C ALA B 209 -16.84 -11.58 14.29
N ALA B 210 -16.27 -12.70 14.70
CA ALA B 210 -17.03 -13.90 15.04
C ALA B 210 -17.54 -13.89 16.48
N GLY B 211 -17.34 -12.81 17.23
CA GLY B 211 -17.78 -12.77 18.60
C GLY B 211 -17.03 -13.65 19.57
N LEU B 212 -15.81 -14.08 19.23
CA LEU B 212 -15.02 -14.97 20.06
C LEU B 212 -13.94 -14.25 20.85
N HIS B 213 -13.86 -12.92 20.73
CA HIS B 213 -12.96 -12.10 21.51
C HIS B 213 -13.78 -10.84 21.76
N PRO B 214 -13.70 -10.27 22.95
CA PRO B 214 -14.43 -9.03 23.24
C PRO B 214 -14.18 -7.97 22.18
N ASN B 215 -15.25 -7.26 21.80
CA ASN B 215 -15.13 -6.28 20.72
C ASN B 215 -14.63 -4.95 21.28
N PRO B 216 -13.53 -4.41 20.75
CA PRO B 216 -13.03 -3.11 21.25
C PRO B 216 -13.76 -1.90 20.71
N VAL B 217 -14.52 -2.04 19.61
CA VAL B 217 -15.09 -0.84 18.94
C VAL B 217 -15.95 0.01 19.86
N PRO B 218 -16.82 -0.54 20.71
CA PRO B 218 -17.60 0.33 21.61
C PRO B 218 -16.74 1.08 22.61
N TYR B 219 -15.55 0.59 22.92
CA TYR B 219 -14.72 1.18 23.96
C TYR B 219 -13.68 2.15 23.43
N ALA B 220 -13.08 1.85 22.29
CA ALA B 220 -11.94 2.62 21.81
C ALA B 220 -12.43 3.88 21.10
N ASP B 221 -11.74 4.99 21.34
CA ASP B 221 -11.99 6.17 20.51
C ASP B 221 -11.83 5.84 19.03
N ILE B 222 -10.75 5.15 18.68
CA ILE B 222 -10.48 4.69 17.33
C ILE B 222 -10.03 3.24 17.41
N THR B 223 -10.53 2.41 16.49
CA THR B 223 -10.09 1.03 16.33
C THR B 223 -9.41 0.86 14.98
N THR B 224 -8.20 0.33 14.97
CA THR B 224 -7.50 0.04 13.72
C THR B 224 -7.36 -1.45 13.55
N THR B 225 -7.10 -1.87 12.32
CA THR B 225 -6.94 -3.30 12.04
C THR B 225 -6.29 -3.48 10.69
N THR B 226 -5.71 -4.66 10.49
CA THR B 226 -5.38 -5.11 9.16
C THR B 226 -6.49 -6.03 8.65
N THR B 227 -6.48 -6.26 7.35
CA THR B 227 -7.50 -7.10 6.77
C THR B 227 -6.99 -8.51 6.47
N HIS B 228 -5.70 -8.79 6.68
CA HIS B 228 -5.09 -9.99 6.13
C HIS B 228 -4.67 -11.03 7.16
N LYS B 229 -5.09 -10.90 8.42
CA LYS B 229 -4.71 -11.92 9.39
C LYS B 229 -5.86 -12.89 9.66
N THR B 230 -6.44 -12.88 10.86
CA THR B 230 -7.60 -13.74 11.09
C THR B 230 -8.83 -13.29 10.32
N LEU B 231 -8.85 -12.07 9.77
CA LEU B 231 -9.94 -11.67 8.89
C LEU B 231 -9.83 -12.32 7.52
N ARG B 232 -8.68 -12.92 7.20
CA ARG B 232 -8.48 -13.67 5.96
C ARG B 232 -8.80 -12.85 4.71
N GLY B 233 -8.36 -11.59 4.69
CA GLY B 233 -8.55 -10.76 3.53
C GLY B 233 -7.26 -10.41 2.82
N PRO B 234 -7.32 -9.50 1.86
CA PRO B 234 -6.08 -9.01 1.23
C PRO B 234 -5.28 -8.20 2.23
N ARG B 235 -4.02 -7.92 1.86
CA ARG B 235 -3.15 -7.13 2.74
CA ARG B 235 -3.15 -7.13 2.74
C ARG B 235 -3.53 -5.66 2.67
N GLY B 236 -3.79 -5.08 3.82
CA GLY B 236 -4.23 -3.69 3.87
C GLY B 236 -4.72 -3.37 5.26
N GLY B 237 -5.07 -2.09 5.45
CA GLY B 237 -5.47 -1.58 6.73
C GLY B 237 -6.91 -1.06 6.72
N MET B 238 -7.40 -0.74 7.91
CA MET B 238 -8.73 -0.17 8.05
C MET B 238 -8.80 0.58 9.39
N ILE B 239 -9.63 1.61 9.43
CA ILE B 239 -9.80 2.42 10.63
C ILE B 239 -11.29 2.52 10.94
N LEU B 240 -11.66 2.20 12.17
CA LEU B 240 -13.05 2.24 12.64
C LEU B 240 -13.21 3.28 13.74
N THR B 241 -14.39 3.90 13.78
CA THR B 241 -14.70 4.80 14.89
C THR B 241 -16.21 4.96 14.99
N ASN B 242 -16.67 5.38 16.17
CA ASN B 242 -18.06 5.74 16.33
C ASN B 242 -18.27 7.23 16.46
N ASP B 243 -17.22 8.02 16.57
CA ASP B 243 -17.31 9.45 16.78
C ASP B 243 -17.24 10.14 15.41
N GLU B 244 -18.29 10.88 15.06
CA GLU B 244 -18.34 11.54 13.76
C GLU B 244 -17.21 12.55 13.61
N ALA B 245 -16.85 13.24 14.69
CA ALA B 245 -15.75 14.20 14.61
C ALA B 245 -14.42 13.51 14.32
N LEU B 246 -14.15 12.39 14.98
CA LEU B 246 -12.94 11.62 14.69
C LEU B 246 -12.97 11.07 13.27
N ALA B 247 -14.14 10.60 12.81
CA ALA B 247 -14.27 10.10 11.45
C ALA B 247 -13.81 11.15 10.43
N LYS B 248 -14.13 12.43 10.67
CA LYS B 248 -13.65 13.48 9.76
C LYS B 248 -12.14 13.59 9.83
N LYS B 249 -11.57 13.54 11.04
CA LYS B 249 -10.13 13.64 11.18
C LYS B 249 -9.42 12.43 10.59
N ILE B 250 -9.98 11.23 10.77
CA ILE B 250 -9.41 10.02 10.17
C ILE B 250 -9.37 10.13 8.66
N ASN B 251 -10.49 10.53 8.04
CA ASN B 251 -10.52 10.58 6.59
C ASN B 251 -9.54 11.62 6.06
N SER B 252 -9.43 12.76 6.74
CA SER B 252 -8.48 13.76 6.28
C SER B 252 -7.05 13.31 6.51
N ALA B 253 -6.83 12.53 7.57
CA ALA B 253 -5.48 12.05 7.89
C ALA B 253 -5.01 11.05 6.86
N VAL B 254 -5.88 10.09 6.51
CA VAL B 254 -5.54 9.10 5.50
C VAL B 254 -5.26 9.79 4.18
N PHE B 255 -6.22 10.60 3.69
CA PHE B 255 -6.07 11.34 2.44
C PHE B 255 -6.71 12.71 2.61
N PRO B 256 -6.02 13.80 2.28
CA PRO B 256 -4.70 13.90 1.66
C PRO B 256 -3.54 13.96 2.65
N GLY B 257 -3.80 13.57 3.89
CA GLY B 257 -2.77 13.57 4.92
C GLY B 257 -1.53 12.73 4.66
N ILE B 258 -1.66 11.41 4.54
CA ILE B 258 -0.49 10.54 4.44
C ILE B 258 -0.48 9.64 3.21
N GLN B 259 -1.60 9.51 2.50
CA GLN B 259 -1.65 8.70 1.29
C GLN B 259 -2.18 9.53 0.13
N GLY B 260 -2.06 8.97 -1.07
CA GLY B 260 -2.62 9.56 -2.26
C GLY B 260 -3.76 8.72 -2.75
N GLY B 261 -3.62 8.12 -3.94
CA GLY B 261 -4.64 7.26 -4.47
C GLY B 261 -4.77 5.95 -3.71
N PRO B 262 -6.01 5.53 -3.44
CA PRO B 262 -6.22 4.23 -2.80
C PRO B 262 -6.01 3.09 -3.79
N LEU B 263 -5.80 1.90 -3.25
CA LEU B 263 -5.63 0.71 -4.09
C LEU B 263 -7.00 0.07 -4.23
N GLU B 264 -7.75 0.47 -5.27
CA GLU B 264 -9.15 0.10 -5.33
C GLU B 264 -9.33 -1.38 -5.58
N HIS B 265 -8.42 -2.03 -6.32
CA HIS B 265 -8.51 -3.48 -6.48
C HIS B 265 -8.28 -4.21 -5.17
N VAL B 266 -7.41 -3.69 -4.31
CA VAL B 266 -7.25 -4.27 -2.98
C VAL B 266 -8.50 -4.00 -2.15
N ILE B 267 -9.06 -2.80 -2.28
CA ILE B 267 -10.31 -2.51 -1.56
C ILE B 267 -11.43 -3.43 -2.01
N ALA B 268 -11.46 -3.77 -3.30
CA ALA B 268 -12.39 -4.80 -3.77
C ALA B 268 -12.19 -6.11 -3.02
N GLY B 269 -10.94 -6.52 -2.84
CA GLY B 269 -10.67 -7.71 -2.05
C GLY B 269 -11.15 -7.58 -0.62
N LYS B 270 -11.08 -6.36 -0.07
CA LYS B 270 -11.59 -6.16 1.28
C LYS B 270 -13.10 -6.39 1.32
N ALA B 271 -13.83 -5.80 0.35
CA ALA B 271 -15.27 -6.02 0.27
C ALA B 271 -15.60 -7.50 0.12
N VAL B 272 -14.82 -8.22 -0.69
CA VAL B 272 -14.98 -9.67 -0.81
C VAL B 272 -14.82 -10.36 0.54
N ALA B 273 -13.73 -10.05 1.24
CA ALA B 273 -13.44 -10.76 2.47
C ALA B 273 -14.42 -10.40 3.57
N PHE B 274 -14.88 -9.14 3.60
CA PHE B 274 -15.85 -8.76 4.62
C PHE B 274 -17.15 -9.52 4.46
N LYS B 275 -17.61 -9.69 3.21
CA LYS B 275 -18.80 -10.50 2.99
C LYS B 275 -18.58 -11.96 3.34
N GLU B 276 -17.41 -12.50 3.04
CA GLU B 276 -17.10 -13.84 3.52
C GLU B 276 -17.14 -13.91 5.04
N ALA B 277 -16.64 -12.88 5.72
CA ALA B 277 -16.62 -12.90 7.17
C ALA B 277 -18.02 -12.72 7.77
N LEU B 278 -18.95 -12.11 7.04
CA LEU B 278 -20.34 -11.98 7.47
C LEU B 278 -21.10 -13.28 7.31
N ASP B 279 -20.57 -14.23 6.55
CA ASP B 279 -21.23 -15.52 6.38
C ASP B 279 -21.15 -16.32 7.67
N PRO B 280 -22.18 -17.12 7.96
CA PRO B 280 -22.14 -17.93 9.20
C PRO B 280 -21.03 -18.97 9.21
N ALA B 281 -20.57 -19.40 8.04
CA ALA B 281 -19.45 -20.34 8.00
C ALA B 281 -18.19 -19.71 8.60
N PHE B 282 -18.05 -18.38 8.51
CA PHE B 282 -16.85 -17.74 9.03
C PHE B 282 -16.74 -17.94 10.53
N LYS B 283 -17.87 -17.84 11.23
CA LYS B 283 -17.86 -18.06 12.67
C LYS B 283 -17.38 -19.46 13.02
N GLU B 284 -17.80 -20.47 12.25
CA GLU B 284 -17.29 -21.81 12.52
C GLU B 284 -15.80 -21.89 12.27
N TYR B 285 -15.30 -21.23 11.23
CA TYR B 285 -13.86 -21.19 11.01
C TYR B 285 -13.14 -20.60 12.22
N SER B 286 -13.66 -19.49 12.74
CA SER B 286 -13.01 -18.80 13.85
C SER B 286 -12.96 -19.65 15.12
N GLU B 287 -14.06 -20.36 15.44
CA GLU B 287 -13.97 -21.25 16.58
C GLU B 287 -12.97 -22.36 16.34
N GLN B 288 -12.86 -22.84 15.10
CA GLN B 288 -11.87 -23.86 14.82
C GLN B 288 -10.46 -23.32 15.05
N ILE B 289 -10.23 -22.03 14.71
CA ILE B 289 -8.93 -21.41 14.95
C ILE B 289 -8.53 -21.55 16.41
N ILE B 290 -9.43 -21.15 17.32
CA ILE B 290 -9.12 -21.17 18.74
C ILE B 290 -9.02 -22.60 19.26
N ALA B 291 -9.92 -23.48 18.81
CA ALA B 291 -9.85 -24.88 19.22
C ALA B 291 -8.52 -25.52 18.81
N ASN B 292 -8.03 -25.22 17.59
CA ASN B 292 -6.75 -25.75 17.15
C ASN B 292 -5.59 -25.16 17.94
N ALA B 293 -5.64 -23.85 18.23
CA ALA B 293 -4.54 -23.24 18.96
C ALA B 293 -4.42 -23.83 20.35
N LYS B 294 -5.57 -23.98 21.04
CA LYS B 294 -5.55 -24.54 22.38
C LYS B 294 -5.03 -25.98 22.37
N ALA B 295 -5.36 -26.74 21.32
CA ALA B 295 -4.87 -28.11 21.19
C ALA B 295 -3.34 -28.15 21.10
N MET B 296 -2.74 -27.24 20.33
CA MET B 296 -1.29 -27.22 20.23
C MET B 296 -0.65 -26.76 21.53
N VAL B 297 -1.24 -25.77 22.18
CA VAL B 297 -0.71 -25.28 23.45
C VAL B 297 -0.61 -26.41 24.46
N LYS B 298 -1.60 -27.31 24.45
CA LYS B 298 -1.58 -28.45 25.36
C LYS B 298 -0.39 -29.37 25.07
N VAL B 299 -0.12 -29.66 23.79
CA VAL B 299 1.08 -30.44 23.44
C VAL B 299 2.35 -29.73 23.88
N PHE B 300 2.45 -28.43 23.58
CA PHE B 300 3.66 -27.70 23.91
C PHE B 300 3.85 -27.60 25.42
N ASN B 301 2.76 -27.48 26.17
CA ASN B 301 2.88 -27.40 27.62
C ASN B 301 3.47 -28.68 28.22
N GLN B 302 3.05 -29.85 27.72
CA GLN B 302 3.57 -31.11 28.27
C GLN B 302 5.05 -31.29 27.93
N ALA B 303 5.51 -30.76 26.81
CA ALA B 303 6.92 -30.90 26.44
C ALA B 303 7.81 -29.97 27.25
N ILE B 304 8.88 -30.51 27.79
CA ILE B 304 9.93 -29.70 28.37
C ILE B 304 10.73 -29.11 27.22
N GLY B 305 11.01 -27.83 27.28
CA GLY B 305 11.82 -27.20 26.26
C GLY B 305 11.04 -26.32 25.33
N THR B 306 9.74 -26.55 25.18
CA THR B 306 8.88 -25.57 24.54
C THR B 306 8.03 -25.00 25.67
N ARG B 307 8.29 -23.74 26.05
CA ARG B 307 7.60 -23.11 27.17
C ARG B 307 6.67 -22.07 26.59
N VAL B 308 5.37 -22.28 26.77
CA VAL B 308 4.37 -21.37 26.22
C VAL B 308 4.29 -20.16 27.14
N ILE B 309 4.55 -18.97 26.58
CA ILE B 309 4.44 -17.74 27.35
C ILE B 309 3.04 -17.65 27.95
N SER B 310 2.99 -17.48 29.27
CA SER B 310 1.76 -17.39 30.07
C SER B 310 1.07 -18.75 30.24
N GLY B 311 1.57 -19.78 29.56
CA GLY B 311 1.07 -21.13 29.74
C GLY B 311 -0.25 -21.45 29.08
N ALA B 312 -0.83 -20.53 28.31
CA ALA B 312 -2.15 -20.76 27.76
C ALA B 312 -2.39 -19.83 26.60
N THR B 313 -3.41 -20.13 25.81
CA THR B 313 -3.88 -19.23 24.76
C THR B 313 -5.39 -19.11 24.83
N ASP B 314 -5.89 -17.91 24.56
CA ASP B 314 -7.30 -17.63 24.38
C ASP B 314 -7.66 -17.33 22.93
N ASN B 315 -6.68 -17.28 22.03
CA ASN B 315 -6.94 -16.85 20.66
C ASN B 315 -6.21 -17.73 19.66
N HIS B 316 -5.65 -17.12 18.63
CA HIS B 316 -5.13 -17.87 17.50
C HIS B 316 -3.64 -18.19 17.62
N LEU B 317 -2.93 -17.63 18.60
CA LEU B 317 -1.48 -17.73 18.57
C LEU B 317 -0.92 -18.20 19.90
N MET B 318 0.38 -18.53 19.87
CA MET B 318 1.15 -18.87 21.04
C MET B 318 2.58 -18.38 20.83
N LEU B 319 3.18 -17.90 21.90
CA LEU B 319 4.59 -17.53 21.92
C LEU B 319 5.36 -18.61 22.67
N ILE B 320 6.40 -19.16 22.04
CA ILE B 320 7.14 -20.27 22.64
C ILE B 320 8.57 -19.86 22.94
N ASP B 321 8.92 -19.90 24.22
CA ASP B 321 10.29 -19.71 24.70
C ASP B 321 11.07 -20.99 24.44
N VAL B 322 12.06 -20.93 23.56
CA VAL B 322 12.82 -22.12 23.16
C VAL B 322 14.14 -22.23 23.90
N ARG B 323 14.41 -21.35 24.87
CA ARG B 323 15.76 -21.26 25.42
C ARG B 323 16.17 -22.58 26.07
N GLU B 324 15.24 -23.27 26.73
CA GLU B 324 15.66 -24.49 27.42
C GLU B 324 16.03 -25.62 26.47
N LEU B 325 15.74 -25.50 25.17
CA LEU B 325 16.29 -26.44 24.20
C LEU B 325 17.73 -26.11 23.81
N GLY B 326 18.35 -25.12 24.44
CA GLY B 326 19.70 -24.71 24.05
C GLY B 326 19.82 -24.01 22.71
N ILE B 327 18.72 -23.48 22.18
CA ILE B 327 18.72 -22.77 20.92
C ILE B 327 18.10 -21.39 21.14
N ASN B 328 18.25 -20.53 20.13
CA ASN B 328 17.52 -19.27 20.10
C ASN B 328 16.42 -19.33 19.03
N GLY B 329 15.64 -18.26 18.95
CA GLY B 329 14.51 -18.26 18.05
C GLY B 329 14.91 -18.38 16.60
N LYS B 330 16.01 -17.76 16.22
CA LYS B 330 16.46 -17.83 14.83
C LYS B 330 16.81 -19.26 14.44
N GLU B 331 17.50 -20.01 15.31
CA GLU B 331 17.84 -21.37 14.94
C GLU B 331 16.63 -22.29 15.03
N ALA B 332 15.78 -22.10 16.05
CA ALA B 332 14.53 -22.84 16.09
C ALA B 332 13.74 -22.66 14.80
N GLU B 333 13.72 -21.42 14.28
CA GLU B 333 13.03 -21.16 13.03
C GLU B 333 13.62 -21.97 11.89
N SER B 334 14.96 -21.97 11.77
CA SER B 334 15.58 -22.63 10.63
C SER B 334 15.50 -24.15 10.75
N ILE B 335 15.64 -24.69 11.97
CA ILE B 335 15.40 -26.12 12.17
C ILE B 335 14.03 -26.51 11.65
N LEU B 336 12.99 -25.80 12.11
CA LEU B 336 11.63 -26.13 11.69
C LEU B 336 11.47 -25.95 10.18
N ASP B 337 12.19 -24.99 9.60
CA ASP B 337 12.16 -24.82 8.15
C ASP B 337 12.71 -26.04 7.43
N SER B 338 13.83 -26.59 7.91
CA SER B 338 14.46 -27.72 7.25
C SER B 338 13.56 -28.94 7.22
N VAL B 339 12.51 -28.99 8.04
CA VAL B 339 11.52 -30.05 7.97
C VAL B 339 10.19 -29.53 7.41
N ASN B 340 10.20 -28.38 6.72
CA ASN B 340 9.05 -27.81 6.00
C ASN B 340 7.94 -27.31 6.92
N ILE B 341 8.31 -26.81 8.09
CA ILE B 341 7.39 -26.12 8.99
C ILE B 341 7.84 -24.66 9.06
N THR B 342 6.95 -23.74 8.69
CA THR B 342 7.30 -22.33 8.61
C THR B 342 6.73 -21.58 9.82
N VAL B 343 7.63 -21.06 10.66
CA VAL B 343 7.29 -20.18 11.78
C VAL B 343 8.06 -18.88 11.61
N ASN B 344 8.00 -18.00 12.60
CA ASN B 344 8.95 -16.90 12.71
C ASN B 344 9.52 -16.90 14.11
N LYS B 345 10.83 -16.65 14.21
CA LYS B 345 11.43 -16.28 15.48
C LYS B 345 10.68 -15.09 16.05
N ASN B 346 10.63 -14.98 17.37
CA ASN B 346 9.86 -13.90 17.95
C ASN B 346 10.44 -13.55 19.30
N SER B 347 10.49 -12.25 19.60
CA SER B 347 10.83 -11.81 20.93
C SER B 347 9.82 -12.38 21.93
N ILE B 348 10.30 -12.70 23.12
CA ILE B 348 9.41 -13.08 24.23
C ILE B 348 9.50 -11.97 25.28
N PRO B 349 8.58 -11.89 26.24
CA PRO B 349 8.70 -10.85 27.28
C PRO B 349 10.05 -10.90 27.94
N PHE B 350 10.58 -9.73 28.27
CA PHE B 350 11.90 -9.58 28.87
C PHE B 350 13.00 -10.15 27.98
N GLU B 351 12.79 -10.06 26.66
CA GLU B 351 13.77 -10.54 25.68
C GLU B 351 15.14 -9.93 25.92
N THR B 352 16.16 -10.78 25.93
CA THR B 352 17.52 -10.32 26.11
C THR B 352 18.37 -10.36 24.84
N LEU B 353 17.95 -11.10 23.81
CA LEU B 353 18.71 -11.18 22.57
C LEU B 353 18.16 -10.18 21.56
N SER B 354 18.84 -10.06 20.42
CA SER B 354 18.41 -9.05 19.46
C SER B 354 17.16 -9.51 18.72
N PRO B 355 16.40 -8.56 18.16
CA PRO B 355 15.19 -8.93 17.39
C PRO B 355 15.49 -9.87 16.22
N PHE B 356 16.76 -10.08 15.87
CA PHE B 356 17.09 -11.00 14.80
C PHE B 356 17.47 -12.39 15.30
N LYS B 357 17.84 -12.54 16.59
CA LYS B 357 17.98 -13.87 17.17
C LYS B 357 16.74 -14.28 17.96
N THR B 358 16.40 -13.49 18.98
CA THR B 358 15.27 -13.72 19.89
C THR B 358 15.41 -15.02 20.67
N SER B 359 14.54 -15.19 21.67
CA SER B 359 14.54 -16.36 22.51
C SER B 359 13.36 -17.29 22.22
N GLY B 360 12.59 -17.00 21.17
CA GLY B 360 11.44 -17.85 20.98
C GLY B 360 10.95 -17.87 19.56
N ILE B 361 9.88 -18.63 19.35
CA ILE B 361 9.17 -18.67 18.09
C ILE B 361 7.71 -18.36 18.38
N ARG B 362 7.00 -17.91 17.35
CA ARG B 362 5.57 -17.67 17.42
C ARG B 362 4.88 -18.60 16.45
N ILE B 363 3.75 -19.16 16.89
CA ILE B 363 2.97 -20.10 16.10
C ILE B 363 1.50 -19.70 16.22
N GLY B 364 0.81 -19.70 15.09
CA GLY B 364 -0.62 -19.42 15.08
C GLY B 364 -1.31 -20.36 14.11
N THR B 365 -2.60 -20.58 14.36
CA THR B 365 -3.33 -21.57 13.58
C THR B 365 -4.21 -21.08 12.42
N PRO B 366 -4.39 -19.77 12.17
CA PRO B 366 -5.35 -19.39 11.11
C PRO B 366 -5.11 -20.04 9.76
N ALA B 367 -3.86 -20.20 9.33
CA ALA B 367 -3.63 -20.70 7.99
C ALA B 367 -3.91 -22.20 7.90
N ILE B 368 -3.47 -22.99 8.88
CA ILE B 368 -3.77 -24.42 8.80
C ILE B 368 -5.25 -24.65 9.04
N THR B 369 -5.88 -23.85 9.89
CA THR B 369 -7.33 -23.97 10.06
C THR B 369 -8.04 -23.71 8.74
N THR B 370 -7.58 -22.72 7.97
CA THR B 370 -8.17 -22.42 6.69
C THR B 370 -7.99 -23.56 5.69
N ARG B 371 -6.82 -24.18 5.69
CA ARG B 371 -6.66 -25.30 4.76
C ARG B 371 -7.36 -26.57 5.24
N GLY B 372 -8.01 -26.53 6.40
CA GLY B 372 -8.88 -27.62 6.84
C GLY B 372 -8.46 -28.38 8.08
N PHE B 373 -7.32 -28.10 8.70
CA PHE B 373 -6.88 -28.86 9.87
C PHE B 373 -7.92 -28.80 10.97
N LYS B 374 -8.11 -29.93 11.64
CA LYS B 374 -8.89 -29.98 12.86
C LYS B 374 -7.94 -30.28 14.02
N GLU B 375 -8.51 -30.44 15.21
CA GLU B 375 -7.70 -30.50 16.43
C GLU B 375 -6.74 -31.68 16.41
N GLU B 376 -7.20 -32.83 15.93
CA GLU B 376 -6.33 -33.99 15.75
C GLU B 376 -5.11 -33.65 14.92
N ASP B 377 -5.30 -32.87 13.85
CA ASP B 377 -4.21 -32.49 12.96
C ASP B 377 -3.34 -31.40 13.58
N ALA B 378 -3.97 -30.42 14.23
CA ALA B 378 -3.21 -29.44 15.00
C ALA B 378 -2.32 -30.14 16.02
N VAL B 379 -2.85 -31.14 16.73
CA VAL B 379 -2.06 -31.88 17.71
C VAL B 379 -0.87 -32.56 17.03
N LYS B 380 -1.07 -33.08 15.82
CA LYS B 380 0.03 -33.71 15.13
C LYS B 380 1.09 -32.70 14.73
N VAL B 381 0.66 -31.49 14.30
CA VAL B 381 1.60 -30.42 13.98
C VAL B 381 2.47 -30.07 15.20
N ALA B 382 1.83 -29.81 16.35
CA ALA B 382 2.57 -29.48 17.56
C ALA B 382 3.53 -30.60 17.95
N GLU B 383 3.07 -31.85 17.89
CA GLU B 383 3.96 -32.98 18.18
C GLU B 383 5.14 -32.98 17.22
N LEU B 384 4.88 -32.65 15.95
CA LEU B 384 5.96 -32.59 14.97
C LEU B 384 6.92 -31.46 15.28
N VAL B 385 6.39 -30.32 15.70
CA VAL B 385 7.23 -29.19 16.11
C VAL B 385 8.12 -29.60 17.29
N VAL B 386 7.53 -30.19 18.33
CA VAL B 386 8.31 -30.59 19.48
C VAL B 386 9.38 -31.60 19.07
N LYS B 387 9.01 -32.56 18.23
CA LYS B 387 9.96 -33.58 17.82
C LYS B 387 11.12 -32.97 17.07
N ALA B 388 10.84 -32.07 16.14
CA ALA B 388 11.92 -31.48 15.35
C ALA B 388 12.86 -30.67 16.22
N LEU B 389 12.31 -29.92 17.19
CA LEU B 389 13.17 -29.08 18.01
C LEU B 389 14.01 -29.88 18.99
N GLN B 390 13.52 -31.03 19.46
CA GLN B 390 14.30 -31.89 20.34
C GLN B 390 15.25 -32.79 19.58
N ALA B 391 15.26 -32.73 18.24
CA ALA B 391 16.00 -33.70 17.45
C ALA B 391 17.50 -33.52 17.59
N LYS B 392 17.98 -32.28 17.65
CA LYS B 392 19.40 -31.99 17.87
C LYS B 392 20.26 -32.60 16.77
N ASP B 393 19.80 -32.41 15.53
CA ASP B 393 20.51 -32.87 14.33
C ASP B 393 20.67 -34.39 14.29
N ASP B 394 19.70 -35.11 14.86
CA ASP B 394 19.49 -36.54 14.62
C ASP B 394 18.72 -36.61 13.32
N ASN B 395 19.44 -36.81 12.22
CA ASN B 395 18.81 -36.64 10.92
C ASN B 395 17.71 -37.67 10.67
N ALA B 396 17.79 -38.83 11.30
CA ALA B 396 16.71 -39.79 11.16
C ALA B 396 15.42 -39.24 11.73
N GLN B 397 15.49 -38.70 12.96
CA GLN B 397 14.33 -38.05 13.57
C GLN B 397 13.76 -36.97 12.68
N LEU B 398 14.62 -36.12 12.11
CA LEU B 398 14.15 -35.02 11.28
C LEU B 398 13.40 -35.54 10.06
N ASP B 399 13.89 -36.61 9.43
CA ASP B 399 13.20 -37.14 8.25
C ASP B 399 11.83 -37.70 8.60
N GLU B 400 11.67 -38.25 9.81
CA GLU B 400 10.33 -38.63 10.23
C GLU B 400 9.42 -37.42 10.33
N VAL B 401 9.96 -36.30 10.83
CA VAL B 401 9.16 -35.07 10.88
C VAL B 401 8.74 -34.67 9.48
N LYS B 402 9.69 -34.70 8.52
CA LYS B 402 9.33 -34.43 7.14
C LYS B 402 8.18 -35.31 6.68
N THR B 403 8.24 -36.61 7.02
CA THR B 403 7.18 -37.54 6.62
C THR B 403 5.84 -37.12 7.17
N GLY B 404 5.80 -36.74 8.45
CA GLY B 404 4.54 -36.34 9.04
C GLY B 404 3.99 -35.07 8.43
N VAL B 405 4.88 -34.14 8.09
CA VAL B 405 4.45 -32.94 7.37
C VAL B 405 3.87 -33.34 6.01
N ARG B 406 4.57 -34.23 5.31
CA ARG B 406 4.10 -34.68 4.00
C ARG B 406 2.73 -35.34 4.10
N GLU B 407 2.53 -36.15 5.14
CA GLU B 407 1.20 -36.74 5.34
C GLU B 407 0.15 -35.66 5.57
N LEU B 408 0.49 -34.65 6.37
CA LEU B 408 -0.49 -33.61 6.66
C LEU B 408 -0.78 -32.75 5.43
N THR B 409 0.26 -32.40 4.66
CA THR B 409 0.04 -31.55 3.49
C THR B 409 -0.70 -32.30 2.38
N GLU B 410 -0.50 -33.61 2.28
CA GLU B 410 -1.25 -34.41 1.31
C GLU B 410 -2.69 -34.65 1.77
N LYS B 411 -2.92 -34.76 3.07
CA LYS B 411 -4.27 -34.95 3.56
C LYS B 411 -5.13 -33.72 3.32
N PHE B 412 -4.51 -32.55 3.28
CA PHE B 412 -5.22 -31.28 3.14
C PHE B 412 -4.63 -30.50 1.98
N PRO B 413 -5.02 -30.81 0.74
CA PRO B 413 -4.54 -29.99 -0.37
C PRO B 413 -5.02 -28.56 -0.20
N LEU B 414 -4.23 -27.63 -0.72
CA LEU B 414 -4.46 -26.20 -0.55
C LEU B 414 -4.76 -25.56 -1.89
N HIS B 415 -3.78 -25.47 -2.80
CA HIS B 415 -3.96 -24.86 -4.10
C HIS B 415 -4.22 -25.88 -5.21
N LYS B 416 -4.25 -27.17 -4.87
CA LYS B 416 -4.49 -28.26 -5.83
C LYS B 416 -5.99 -28.57 -6.02
#